data_7NXN
#
_entry.id   7NXN
#
_cell.length_a   66.723
_cell.length_b   106.188
_cell.length_c   109.326
_cell.angle_alpha   90.000
_cell.angle_beta   90.000
_cell.angle_gamma   90.000
#
_symmetry.space_group_name_H-M   'P 21 21 21'
#
loop_
_entity.id
_entity.type
_entity.pdbx_description
1 polymer 'Branched-chain-amino-acid aminotransferase, cytosolic'
2 non-polymer 4-[6-[bis(fluoranyl)-phenyl-methyl]-2,4-bis(oxidanylidene)-1~{H}-pyrimidin-3-yl]-5-fluoranyl-2-(2-methylphenoxy)benzenecarbonitrile
3 non-polymer "PYRIDOXAL-5'-PHOSPHATE"
4 non-polymer 'MAGNESIUM ION'
5 water water
#
_entity_poly.entity_id   1
_entity_poly.type   'polypeptide(L)'
_entity_poly.pdbx_seq_one_letter_code
;GPGMKDCSNGCSAECTGEGGSKEVVGTFKAKDLIVTPATILKEKPDPNNLVFGTVFTDHMLTVEWSSEFGWEKPHIKPLQ
NLSLHPGSSALHYAVELFEGLKAFRGVDNKIRLFQPNLNMDRMYRSAVRATLPVFDKEELLECIQQLVKLDQEWVPYSTS
ASLYIRPTFIGTEPSLGVKKPTKALLFVLLSPVGPYFSSGTFNPVSLWANPKYVRAWKGGTGDCKMGGNYGSSLFAQCEA
VDNGCQQVLWLYGEDHQITEVGTMNLFLYWINEDGEEELATPPLDGIILPGVTRRCILDLAHQWGEFKVSERYLTMDDLT
TALEGNRVREMFGSGTACVVCPVSDILYKGETIHIPTMENGPKLASRILSKLTDIQYGREERDWTIVLS
;
_entity_poly.pdbx_strand_id   A,B
#
loop_
_chem_comp.id
_chem_comp.type
_chem_comp.name
_chem_comp.formula
MG non-polymer 'MAGNESIUM ION' 'Mg 2'
PLP non-polymer PYRIDOXAL-5'-PHOSPHATE 'C8 H10 N O6 P'
UU2 non-polymer 4-[6-[bis(fluoranyl)-phenyl-methyl]-2,4-bis(oxidanylidene)-1~{H}-pyrimidin-3-yl]-5-fluoranyl-2-(2-methylphenoxy)benzenecarbonitrile 'C25 H16 F3 N3 O3'
#
# COMPACT_ATOMS: atom_id res chain seq x y z
N VAL A 25 -25.48 3.95 3.45
CA VAL A 25 -25.11 2.74 4.26
C VAL A 25 -26.13 1.62 3.99
N GLY A 26 -25.69 0.54 3.37
CA GLY A 26 -26.47 -0.68 3.08
C GLY A 26 -25.57 -1.90 2.85
N THR A 27 -26.17 -2.98 2.34
CA THR A 27 -25.45 -4.27 2.11
C THR A 27 -26.06 -5.01 0.92
N PHE A 28 -25.25 -5.80 0.24
CA PHE A 28 -25.75 -6.87 -0.68
C PHE A 28 -26.33 -7.98 0.20
N LYS A 29 -27.18 -8.83 -0.38
CA LYS A 29 -27.83 -9.94 0.36
C LYS A 29 -27.62 -11.24 -0.42
N ALA A 30 -27.25 -12.31 0.27
CA ALA A 30 -27.02 -13.66 -0.30
C ALA A 30 -28.28 -14.14 -1.01
N LYS A 31 -29.45 -13.78 -0.50
CA LYS A 31 -30.74 -14.17 -1.10
C LYS A 31 -30.86 -13.60 -2.52
N ASP A 32 -30.08 -12.56 -2.86
CA ASP A 32 -30.12 -11.90 -4.20
C ASP A 32 -29.07 -12.50 -5.14
N LEU A 33 -28.30 -13.51 -4.68
CA LEU A 33 -27.17 -14.09 -5.45
C LEU A 33 -27.65 -14.42 -6.87
N ILE A 34 -26.91 -14.00 -7.88
CA ILE A 34 -27.11 -14.42 -9.30
C ILE A 34 -25.97 -15.38 -9.65
N VAL A 35 -26.30 -16.60 -10.07
CA VAL A 35 -25.30 -17.69 -10.28
C VAL A 35 -25.23 -18.02 -11.77
N THR A 36 -24.10 -17.75 -12.39
CA THR A 36 -23.78 -18.07 -13.80
C THR A 36 -22.74 -19.17 -13.83
N PRO A 37 -23.13 -20.46 -13.94
CA PRO A 37 -22.18 -21.56 -13.95
C PRO A 37 -21.26 -21.51 -15.19
N ALA A 38 -19.99 -21.88 -15.00
CA ALA A 38 -19.01 -22.15 -16.07
C ALA A 38 -19.55 -23.31 -16.92
N THR A 39 -19.45 -23.21 -18.24
CA THR A 39 -19.90 -24.29 -19.16
C THR A 39 -18.71 -25.16 -19.56
N ILE A 40 -17.48 -24.67 -19.37
CA ILE A 40 -16.23 -25.48 -19.52
C ILE A 40 -15.50 -25.51 -18.17
N LEU A 41 -15.37 -26.69 -17.59
CA LEU A 41 -14.82 -26.89 -16.22
C LEU A 41 -13.35 -27.32 -16.35
N LYS A 42 -12.50 -26.82 -15.46
CA LYS A 42 -11.05 -27.15 -15.46
C LYS A 42 -10.82 -28.45 -14.69
N GLU A 43 -9.81 -29.21 -15.11
CA GLU A 43 -9.29 -30.40 -14.38
C GLU A 43 -8.77 -29.95 -13.02
N LYS A 44 -9.14 -30.64 -11.94
CA LYS A 44 -8.58 -30.36 -10.59
C LYS A 44 -7.12 -30.78 -10.56
N PRO A 45 -6.28 -30.12 -9.74
CA PRO A 45 -4.87 -30.46 -9.63
C PRO A 45 -4.65 -31.69 -8.74
N ASP A 46 -3.49 -32.34 -8.89
CA ASP A 46 -2.97 -33.38 -7.95
C ASP A 46 -2.79 -32.73 -6.58
N PRO A 47 -3.46 -33.24 -5.52
CA PRO A 47 -3.38 -32.62 -4.18
C PRO A 47 -1.97 -32.60 -3.54
N ASN A 48 -1.02 -33.37 -4.06
CA ASN A 48 0.36 -33.49 -3.53
C ASN A 48 1.31 -32.52 -4.24
N ASN A 49 0.93 -31.98 -5.42
CA ASN A 49 1.80 -31.16 -6.30
C ASN A 49 1.31 -29.71 -6.33
N LEU A 50 0.78 -29.20 -5.22
CA LEU A 50 0.11 -27.86 -5.16
C LEU A 50 1.11 -26.79 -4.70
N VAL A 51 1.34 -25.76 -5.51
CA VAL A 51 2.11 -24.53 -5.13
C VAL A 51 1.10 -23.49 -4.65
N PHE A 52 1.33 -22.91 -3.46
CA PHE A 52 0.36 -21.97 -2.82
C PHE A 52 -0.03 -20.85 -3.80
N GLY A 53 -1.34 -20.69 -3.98
CA GLY A 53 -1.97 -19.49 -4.58
C GLY A 53 -1.75 -19.39 -6.07
N THR A 54 -1.49 -20.49 -6.78
CA THR A 54 -1.22 -20.47 -8.24
C THR A 54 -2.36 -21.12 -9.03
N VAL A 55 -3.16 -22.00 -8.43
CA VAL A 55 -4.27 -22.70 -9.13
C VAL A 55 -5.58 -22.09 -8.65
N PHE A 56 -6.48 -21.70 -9.56
CA PHE A 56 -7.79 -21.09 -9.20
C PHE A 56 -8.90 -22.03 -9.65
N THR A 57 -10.02 -21.99 -8.91
CA THR A 57 -11.20 -22.85 -9.19
C THR A 57 -12.00 -22.27 -10.37
N ASP A 58 -13.15 -22.85 -10.66
CA ASP A 58 -13.94 -22.50 -11.88
C ASP A 58 -14.63 -21.14 -11.69
N HIS A 59 -15.01 -20.78 -10.46
CA HIS A 59 -15.93 -19.65 -10.19
C HIS A 59 -15.34 -18.67 -9.18
N MET A 60 -15.89 -17.46 -9.19
CA MET A 60 -15.53 -16.33 -8.29
C MET A 60 -16.83 -15.61 -7.87
N LEU A 61 -16.76 -14.88 -6.76
CA LEU A 61 -17.81 -13.97 -6.28
C LEU A 61 -17.40 -12.57 -6.68
N THR A 62 -18.32 -11.77 -7.22
CA THR A 62 -18.12 -10.32 -7.47
C THR A 62 -19.34 -9.56 -6.95
N VAL A 63 -19.08 -8.43 -6.30
CA VAL A 63 -20.16 -7.47 -5.90
C VAL A 63 -19.69 -6.05 -6.18
N GLU A 64 -20.45 -5.33 -7.00
CA GLU A 64 -20.18 -3.91 -7.32
C GLU A 64 -20.82 -2.99 -6.28
N TRP A 65 -20.13 -1.88 -5.97
CA TRP A 65 -20.65 -0.78 -5.13
C TRP A 65 -20.41 0.56 -5.83
N SER A 66 -21.38 1.46 -5.70
CA SER A 66 -21.24 2.90 -6.02
C SER A 66 -21.81 3.69 -4.85
N SER A 67 -21.28 4.88 -4.62
CA SER A 67 -21.83 5.83 -3.62
C SER A 67 -23.25 6.25 -4.06
N GLU A 68 -23.53 6.33 -5.36
CA GLU A 68 -24.82 6.79 -5.92
C GLU A 68 -25.96 5.77 -5.64
N PHE A 69 -25.74 4.47 -5.88
CA PHE A 69 -26.79 3.42 -5.81
C PHE A 69 -26.51 2.39 -4.70
N GLY A 70 -25.34 2.43 -4.08
CA GLY A 70 -24.93 1.44 -3.05
C GLY A 70 -24.53 0.12 -3.68
N TRP A 71 -24.74 -0.97 -2.93
CA TRP A 71 -24.36 -2.34 -3.32
C TRP A 71 -25.30 -2.89 -4.39
N GLU A 72 -24.73 -3.40 -5.48
CA GLU A 72 -25.45 -4.20 -6.51
C GLU A 72 -25.67 -5.60 -5.94
N LYS A 73 -26.46 -6.42 -6.63
CA LYS A 73 -26.64 -7.85 -6.27
C LYS A 73 -25.31 -8.58 -6.41
N PRO A 74 -25.03 -9.57 -5.54
CA PRO A 74 -23.81 -10.36 -5.66
C PRO A 74 -23.93 -11.39 -6.79
N HIS A 75 -22.80 -11.67 -7.45
CA HIS A 75 -22.70 -12.61 -8.59
C HIS A 75 -21.70 -13.72 -8.27
N ILE A 76 -22.11 -14.97 -8.44
CA ILE A 76 -21.18 -16.13 -8.59
C ILE A 76 -21.13 -16.46 -10.09
N LYS A 77 -19.95 -16.30 -10.70
CA LYS A 77 -19.77 -16.44 -12.16
C LYS A 77 -18.39 -17.04 -12.44
N PRO A 78 -18.11 -17.45 -13.69
CA PRO A 78 -16.81 -18.02 -14.03
C PRO A 78 -15.67 -17.05 -13.67
N LEU A 79 -14.59 -17.60 -13.13
CA LEU A 79 -13.32 -16.88 -12.93
C LEU A 79 -12.97 -16.16 -14.22
N GLN A 80 -12.75 -14.85 -14.15
CA GLN A 80 -12.49 -14.00 -15.33
C GLN A 80 -11.51 -12.91 -14.93
N ASN A 81 -10.84 -12.32 -15.90
CA ASN A 81 -10.10 -11.05 -15.65
C ASN A 81 -11.08 -10.00 -15.15
N LEU A 82 -10.60 -9.08 -14.32
CA LEU A 82 -11.34 -7.86 -13.94
C LEU A 82 -11.13 -6.82 -15.02
N SER A 83 -12.19 -6.08 -15.37
CA SER A 83 -12.16 -4.94 -16.29
C SER A 83 -12.19 -3.66 -15.46
N LEU A 84 -11.03 -3.04 -15.26
CA LEU A 84 -10.84 -1.89 -14.35
C LEU A 84 -10.43 -0.67 -15.17
N HIS A 85 -11.02 0.48 -14.87
CA HIS A 85 -10.57 1.77 -15.44
C HIS A 85 -9.12 1.90 -15.01
N PRO A 86 -8.20 2.33 -15.90
CA PRO A 86 -6.79 2.46 -15.52
C PRO A 86 -6.55 3.50 -14.42
N GLY A 87 -7.54 4.37 -14.17
CA GLY A 87 -7.51 5.38 -13.10
C GLY A 87 -7.93 4.84 -11.73
N SER A 88 -8.35 3.57 -11.64
CA SER A 88 -8.88 2.91 -10.41
C SER A 88 -7.96 3.20 -9.23
N SER A 89 -8.52 3.64 -8.09
CA SER A 89 -7.69 4.05 -6.93
C SER A 89 -6.90 2.85 -6.36
N ALA A 90 -7.34 1.60 -6.59
CA ALA A 90 -6.59 0.40 -6.15
C ALA A 90 -5.21 0.35 -6.81
N LEU A 91 -5.08 0.89 -8.03
CA LEU A 91 -3.85 0.80 -8.84
C LEU A 91 -2.90 1.96 -8.54
N HIS A 92 -3.42 3.10 -8.05
CA HIS A 92 -2.67 4.36 -7.82
C HIS A 92 -2.32 4.54 -6.34
N TYR A 93 -3.29 4.32 -5.46
CA TYR A 93 -3.19 4.72 -4.03
C TYR A 93 -3.50 3.53 -3.12
N ALA A 94 -3.42 2.31 -3.64
CA ALA A 94 -3.55 1.06 -2.86
C ALA A 94 -4.83 1.11 -2.00
N VAL A 95 -5.94 1.56 -2.57
CA VAL A 95 -7.24 1.56 -1.86
C VAL A 95 -7.79 0.13 -1.94
N GLU A 96 -7.38 -0.73 -1.02
CA GLU A 96 -7.52 -2.20 -1.18
C GLU A 96 -7.25 -2.89 0.16
N LEU A 97 -7.93 -4.02 0.38
CA LEU A 97 -7.66 -4.90 1.52
C LEU A 97 -8.07 -6.33 1.11
N PHE A 98 -7.68 -7.30 1.91
CA PHE A 98 -7.90 -8.73 1.61
C PHE A 98 -8.07 -9.50 2.90
N GLU A 99 -8.51 -10.73 2.76
CA GLU A 99 -8.53 -11.73 3.84
C GLU A 99 -7.96 -13.04 3.33
N GLY A 100 -7.73 -13.95 4.27
CA GLY A 100 -7.24 -15.30 4.04
C GLY A 100 -7.84 -16.24 5.05
N LEU A 101 -8.65 -17.18 4.58
CA LEU A 101 -9.22 -18.27 5.41
C LEU A 101 -9.33 -19.53 4.54
N LYS A 102 -9.70 -20.66 5.16
CA LYS A 102 -9.65 -21.98 4.48
C LYS A 102 -10.93 -22.78 4.71
N ALA A 103 -11.29 -23.57 3.71
CA ALA A 103 -12.26 -24.68 3.76
C ALA A 103 -11.47 -25.99 3.78
N PHE A 104 -11.93 -26.95 4.58
CA PHE A 104 -11.24 -28.24 4.86
C PHE A 104 -12.22 -29.39 4.63
N ARG A 105 -11.83 -30.37 3.80
CA ARG A 105 -12.59 -31.63 3.59
C ARG A 105 -12.27 -32.56 4.75
N GLY A 106 -13.27 -32.83 5.59
CA GLY A 106 -13.12 -33.59 6.85
C GLY A 106 -12.90 -35.07 6.62
N VAL A 107 -12.44 -35.77 7.65
CA VAL A 107 -12.26 -37.26 7.66
C VAL A 107 -13.63 -37.92 7.43
N ASP A 108 -14.72 -37.18 7.68
CA ASP A 108 -16.12 -37.60 7.46
C ASP A 108 -16.63 -37.10 6.09
N ASN A 109 -15.75 -36.51 5.29
CA ASN A 109 -16.05 -35.95 3.94
C ASN A 109 -16.98 -34.74 4.02
N LYS A 110 -17.18 -34.14 5.20
CA LYS A 110 -17.92 -32.87 5.36
C LYS A 110 -16.92 -31.71 5.26
N ILE A 111 -17.28 -30.67 4.51
CA ILE A 111 -16.40 -29.49 4.30
C ILE A 111 -16.70 -28.46 5.40
N ARG A 112 -15.64 -27.97 6.06
CA ARG A 112 -15.77 -27.06 7.21
C ARG A 112 -15.06 -25.75 6.92
N LEU A 113 -15.60 -24.65 7.41
CA LEU A 113 -14.84 -23.39 7.60
C LEU A 113 -14.36 -23.34 9.05
N PHE A 114 -13.33 -22.56 9.31
CA PHE A 114 -12.66 -22.44 10.62
C PHE A 114 -12.72 -20.97 11.06
N GLN A 115 -13.45 -20.66 12.14
CA GLN A 115 -13.55 -19.29 12.71
C GLN A 115 -13.77 -18.22 11.64
N PRO A 116 -14.62 -18.47 10.60
CA PRO A 116 -14.73 -17.54 9.49
C PRO A 116 -15.31 -16.18 9.92
N ASN A 117 -16.10 -16.14 11.01
CA ASN A 117 -16.67 -14.88 11.52
CA ASN A 117 -16.66 -14.90 11.60
C ASN A 117 -15.53 -13.93 11.95
N LEU A 118 -14.39 -14.44 12.41
CA LEU A 118 -13.26 -13.57 12.82
C LEU A 118 -12.68 -12.92 11.58
N ASN A 119 -12.63 -13.63 10.45
CA ASN A 119 -12.17 -13.04 9.16
C ASN A 119 -13.13 -11.92 8.74
N MET A 120 -14.44 -12.14 8.88
CA MET A 120 -15.44 -11.13 8.45
C MET A 120 -15.28 -9.88 9.32
N ASP A 121 -15.08 -10.05 10.64
CA ASP A 121 -14.90 -8.93 11.59
C ASP A 121 -13.68 -8.11 11.17
N ARG A 122 -12.58 -8.79 10.88
CA ARG A 122 -11.31 -8.14 10.52
C ARG A 122 -11.46 -7.46 9.16
N MET A 123 -12.16 -8.09 8.21
CA MET A 123 -12.36 -7.49 6.87
C MET A 123 -13.18 -6.21 6.98
N TYR A 124 -14.25 -6.23 7.78
CA TYR A 124 -15.11 -5.04 8.01
C TYR A 124 -14.25 -3.92 8.62
N ARG A 125 -13.48 -4.25 9.65
CA ARG A 125 -12.60 -3.26 10.34
C ARG A 125 -11.59 -2.69 9.34
N SER A 126 -10.98 -3.54 8.51
CA SER A 126 -10.00 -3.12 7.49
C SER A 126 -10.70 -2.17 6.49
N ALA A 127 -11.94 -2.47 6.09
CA ALA A 127 -12.74 -1.65 5.14
C ALA A 127 -12.91 -0.23 5.71
N VAL A 128 -13.29 -0.14 7.00
CA VAL A 128 -13.52 1.16 7.68
C VAL A 128 -12.20 1.94 7.62
N ARG A 129 -11.08 1.29 7.91
CA ARG A 129 -9.77 1.97 7.98
C ARG A 129 -9.30 2.38 6.57
N ALA A 130 -9.70 1.63 5.55
CA ALA A 130 -9.35 1.89 4.13
C ALA A 130 -10.27 2.96 3.52
N THR A 131 -11.40 3.25 4.17
CA THR A 131 -12.50 4.17 3.74
C THR A 131 -13.32 3.49 2.64
N LEU A 132 -13.21 2.18 2.50
CA LEU A 132 -14.09 1.42 1.59
C LEU A 132 -15.43 1.21 2.28
N PRO A 133 -16.52 0.97 1.52
CA PRO A 133 -17.85 0.86 2.11
C PRO A 133 -18.03 -0.38 3.00
N VAL A 134 -18.77 -0.21 4.08
CA VAL A 134 -19.16 -1.32 5.00
C VAL A 134 -20.21 -2.20 4.31
N PHE A 135 -20.32 -3.44 4.79
CA PHE A 135 -21.24 -4.48 4.27
C PHE A 135 -21.67 -5.33 5.47
N ASP A 136 -22.71 -6.14 5.29
CA ASP A 136 -23.20 -7.06 6.34
C ASP A 136 -22.32 -8.31 6.35
N LYS A 137 -21.59 -8.54 7.43
CA LYS A 137 -20.64 -9.66 7.60
C LYS A 137 -21.34 -11.01 7.39
N GLU A 138 -22.56 -11.20 7.88
CA GLU A 138 -23.30 -12.48 7.71
C GLU A 138 -23.64 -12.71 6.22
N GLU A 139 -24.02 -11.66 5.50
CA GLU A 139 -24.36 -11.78 4.05
C GLU A 139 -23.10 -12.17 3.28
N LEU A 140 -21.94 -11.53 3.55
CA LEU A 140 -20.69 -11.91 2.86
C LEU A 140 -20.38 -13.37 3.18
N LEU A 141 -20.44 -13.79 4.44
CA LEU A 141 -20.08 -15.18 4.82
C LEU A 141 -20.99 -16.16 4.06
N GLU A 142 -22.28 -15.86 3.97
CA GLU A 142 -23.23 -16.76 3.27
C GLU A 142 -22.90 -16.78 1.77
N CYS A 143 -22.53 -15.66 1.17
CA CYS A 143 -22.09 -15.62 -0.26
C CYS A 143 -20.83 -16.49 -0.42
N ILE A 144 -19.87 -16.38 0.51
CA ILE A 144 -18.62 -17.22 0.48
C ILE A 144 -19.01 -18.71 0.56
N GLN A 145 -19.92 -19.08 1.46
CA GLN A 145 -20.36 -20.50 1.62
C GLN A 145 -20.96 -21.02 0.30
N GLN A 146 -21.77 -20.21 -0.37
CA GLN A 146 -22.46 -20.59 -1.63
C GLN A 146 -21.43 -20.77 -2.74
N LEU A 147 -20.38 -19.93 -2.75
CA LEU A 147 -19.26 -20.01 -3.73
C LEU A 147 -18.50 -21.32 -3.49
N VAL A 148 -18.09 -21.58 -2.25
CA VAL A 148 -17.35 -22.82 -1.88
C VAL A 148 -18.23 -24.03 -2.23
N LYS A 149 -19.52 -23.97 -1.90
CA LYS A 149 -20.46 -25.08 -2.16
C LYS A 149 -20.48 -25.39 -3.66
N LEU A 150 -20.61 -24.37 -4.52
CA LEU A 150 -20.67 -24.59 -5.99
C LEU A 150 -19.36 -25.24 -6.46
N ASP A 151 -18.21 -24.77 -5.95
CA ASP A 151 -16.86 -25.28 -6.31
C ASP A 151 -16.36 -26.31 -5.28
N GLN A 152 -17.25 -27.02 -4.59
CA GLN A 152 -16.85 -27.85 -3.41
C GLN A 152 -15.93 -28.99 -3.84
N GLU A 153 -16.03 -29.50 -5.08
CA GLU A 153 -15.13 -30.58 -5.55
C GLU A 153 -13.68 -30.09 -5.61
N TRP A 154 -13.43 -28.78 -5.57
CA TRP A 154 -12.06 -28.19 -5.53
C TRP A 154 -11.46 -28.30 -4.14
N VAL A 155 -12.28 -28.48 -3.10
CA VAL A 155 -11.75 -28.70 -1.73
C VAL A 155 -11.05 -30.04 -1.77
N PRO A 156 -9.70 -30.07 -1.62
CA PRO A 156 -8.89 -31.26 -1.91
C PRO A 156 -9.29 -32.50 -1.11
N TYR A 157 -9.20 -33.66 -1.78
CA TYR A 157 -9.35 -35.00 -1.17
C TYR A 157 -8.00 -35.40 -0.59
N SER A 158 -7.71 -34.86 0.59
CA SER A 158 -6.44 -34.97 1.33
C SER A 158 -6.63 -34.36 2.72
N THR A 159 -6.01 -34.95 3.74
N THR A 159 -6.01 -34.95 3.74
CA THR A 159 -6.02 -34.49 5.14
CA THR A 159 -6.02 -34.49 5.14
C THR A 159 -4.88 -33.47 5.37
C THR A 159 -4.88 -33.47 5.37
N SER A 160 -4.08 -33.18 4.35
CA SER A 160 -2.96 -32.20 4.46
C SER A 160 -3.13 -31.02 3.49
N ALA A 161 -4.17 -31.02 2.65
CA ALA A 161 -4.47 -29.93 1.70
C ALA A 161 -5.81 -29.27 2.06
N SER A 162 -6.07 -28.10 1.50
CA SER A 162 -7.24 -27.24 1.82
C SER A 162 -7.58 -26.34 0.64
N LEU A 163 -8.69 -25.61 0.75
CA LEU A 163 -9.09 -24.60 -0.24
C LEU A 163 -8.91 -23.24 0.40
N TYR A 164 -7.93 -22.49 -0.09
CA TYR A 164 -7.67 -21.10 0.36
C TYR A 164 -8.74 -20.19 -0.24
N ILE A 165 -9.32 -19.37 0.62
CA ILE A 165 -10.38 -18.38 0.29
C ILE A 165 -9.79 -16.97 0.43
N ARG A 166 -9.83 -16.21 -0.67
CA ARG A 166 -9.21 -14.86 -0.77
C ARG A 166 -10.30 -13.83 -1.07
N PRO A 167 -11.01 -13.34 -0.02
CA PRO A 167 -11.86 -12.15 -0.16
C PRO A 167 -10.94 -10.94 -0.40
N THR A 168 -11.29 -10.11 -1.38
CA THR A 168 -10.48 -8.95 -1.81
C THR A 168 -11.44 -7.80 -2.05
N PHE A 169 -11.03 -6.57 -1.75
CA PHE A 169 -11.92 -5.39 -1.77
C PHE A 169 -11.09 -4.22 -2.27
N ILE A 170 -11.49 -3.66 -3.42
CA ILE A 170 -10.66 -2.67 -4.16
C ILE A 170 -11.49 -1.44 -4.51
N GLY A 171 -10.85 -0.26 -4.43
CA GLY A 171 -11.38 0.99 -4.98
C GLY A 171 -11.26 1.03 -6.49
N THR A 172 -12.34 1.38 -7.20
CA THR A 172 -12.41 1.29 -8.68
C THR A 172 -12.90 2.62 -9.28
N GLU A 173 -12.96 3.69 -8.48
CA GLU A 173 -13.25 5.09 -8.91
C GLU A 173 -12.35 5.45 -10.09
N PRO A 174 -12.88 5.86 -11.26
CA PRO A 174 -12.04 6.27 -12.40
C PRO A 174 -11.58 7.72 -12.28
N SER A 175 -10.83 8.04 -11.24
CA SER A 175 -10.29 9.41 -11.07
C SER A 175 -9.03 9.39 -10.22
N LEU A 176 -8.13 10.34 -10.46
CA LEU A 176 -6.79 10.39 -9.83
C LEU A 176 -6.89 11.15 -8.51
N GLY A 177 -8.07 11.65 -8.15
CA GLY A 177 -8.24 12.40 -6.90
C GLY A 177 -7.90 11.53 -5.70
N VAL A 178 -7.28 12.13 -4.69
CA VAL A 178 -7.03 11.51 -3.37
C VAL A 178 -8.29 11.78 -2.55
N LYS A 179 -9.13 10.76 -2.37
CA LYS A 179 -10.46 10.96 -1.76
C LYS A 179 -11.07 9.58 -1.51
N LYS A 180 -12.07 9.56 -0.63
CA LYS A 180 -12.88 8.34 -0.37
C LYS A 180 -13.38 7.83 -1.70
N PRO A 181 -13.24 6.53 -2.02
CA PRO A 181 -13.72 5.99 -3.29
C PRO A 181 -15.25 6.05 -3.36
N THR A 182 -15.79 6.34 -4.54
CA THR A 182 -17.25 6.39 -4.86
C THR A 182 -17.63 5.17 -5.71
N LYS A 183 -16.68 4.28 -5.98
CA LYS A 183 -16.89 3.02 -6.74
C LYS A 183 -15.97 1.97 -6.14
N ALA A 184 -16.45 0.75 -5.95
CA ALA A 184 -15.61 -0.34 -5.43
C ALA A 184 -16.12 -1.70 -5.90
N LEU A 185 -15.24 -2.69 -5.80
CA LEU A 185 -15.50 -4.10 -6.18
C LEU A 185 -15.02 -4.98 -5.02
N LEU A 186 -15.93 -5.80 -4.49
CA LEU A 186 -15.61 -6.86 -3.52
C LEU A 186 -15.69 -8.18 -4.30
N PHE A 187 -14.61 -8.96 -4.28
CA PHE A 187 -14.56 -10.26 -4.99
C PHE A 187 -13.93 -11.31 -4.08
N VAL A 188 -14.18 -12.58 -4.41
CA VAL A 188 -13.60 -13.72 -3.65
C VAL A 188 -13.07 -14.73 -4.66
N LEU A 189 -11.79 -15.10 -4.48
CA LEU A 189 -11.10 -16.16 -5.22
C LEU A 189 -10.95 -17.40 -4.35
N LEU A 190 -10.91 -18.55 -4.99
CA LEU A 190 -10.66 -19.87 -4.35
C LEU A 190 -9.43 -20.49 -5.00
N SER A 191 -8.53 -21.02 -4.18
CA SER A 191 -7.26 -21.64 -4.63
C SER A 191 -6.96 -22.87 -3.79
N PRO A 192 -6.95 -24.09 -4.39
CA PRO A 192 -6.52 -25.28 -3.68
C PRO A 192 -5.04 -25.16 -3.33
N VAL A 193 -4.68 -25.44 -2.08
CA VAL A 193 -3.28 -25.32 -1.58
C VAL A 193 -2.92 -26.58 -0.80
N GLY A 194 -1.63 -26.91 -0.80
CA GLY A 194 -1.06 -28.09 -0.14
C GLY A 194 -0.69 -27.77 1.30
N PRO A 195 0.06 -28.71 1.95
CA PRO A 195 0.60 -28.44 3.28
C PRO A 195 1.73 -27.42 3.06
N TYR A 196 1.91 -26.50 4.00
CA TYR A 196 2.99 -25.49 3.96
C TYR A 196 4.31 -26.21 3.71
N PHE A 197 4.51 -27.34 4.40
CA PHE A 197 5.74 -28.19 4.36
C PHE A 197 5.50 -29.38 3.41
N SER A 198 6.03 -29.31 2.18
CA SER A 198 5.92 -30.34 1.12
C SER A 198 7.26 -31.06 0.94
N PHE A 202 7.39 -30.78 9.46
CA PHE A 202 8.02 -29.51 9.96
C PHE A 202 9.37 -29.29 9.28
N ASN A 203 9.42 -28.38 8.32
CA ASN A 203 10.69 -27.84 7.76
C ASN A 203 10.87 -26.44 8.32
N PRO A 204 11.73 -26.24 9.35
CA PRO A 204 11.80 -24.96 10.05
C PRO A 204 12.39 -23.84 9.20
N VAL A 205 12.09 -22.59 9.55
CA VAL A 205 12.47 -21.41 8.74
C VAL A 205 13.67 -20.71 9.38
N SER A 206 14.47 -20.10 8.53
CA SER A 206 15.56 -19.15 8.85
C SER A 206 15.03 -17.73 8.64
N LEU A 207 15.24 -16.84 9.61
CA LEU A 207 14.66 -15.48 9.58
C LEU A 207 15.78 -14.48 9.30
N TRP A 208 15.47 -13.50 8.47
CA TRP A 208 16.36 -12.36 8.14
C TRP A 208 15.94 -11.17 9.00
N ALA A 209 16.82 -10.75 9.91
CA ALA A 209 16.58 -9.65 10.87
C ALA A 209 17.45 -8.45 10.48
N ASN A 210 16.87 -7.51 9.73
CA ASN A 210 17.56 -6.26 9.34
C ASN A 210 16.77 -5.06 9.83
N PRO A 211 17.24 -4.32 10.86
CA PRO A 211 16.46 -3.24 11.47
C PRO A 211 16.27 -2.00 10.57
N LYS A 212 16.95 -1.98 9.43
CA LYS A 212 16.84 -0.91 8.41
C LYS A 212 15.42 -0.83 7.85
N TYR A 213 14.67 -1.95 7.86
CA TYR A 213 13.30 -2.06 7.27
C TYR A 213 12.30 -2.20 8.40
N VAL A 214 11.26 -1.36 8.40
CA VAL A 214 10.20 -1.37 9.44
C VAL A 214 8.87 -1.70 8.78
N ARG A 215 8.17 -2.72 9.27
CA ARG A 215 6.94 -3.24 8.64
C ARG A 215 5.79 -2.27 8.89
N ALA A 216 5.74 -1.69 10.09
CA ALA A 216 4.55 -0.99 10.60
C ALA A 216 4.98 -0.03 11.70
N TRP A 217 4.25 1.06 11.83
CA TRP A 217 4.52 2.14 12.80
C TRP A 217 3.27 2.44 13.60
N LYS A 218 3.44 2.96 14.81
CA LYS A 218 2.28 3.45 15.61
C LYS A 218 1.64 4.60 14.84
N GLY A 219 0.33 4.51 14.59
CA GLY A 219 -0.45 5.48 13.81
C GLY A 219 -0.56 5.06 12.35
N GLY A 220 -0.06 3.88 12.01
CA GLY A 220 -0.15 3.25 10.68
C GLY A 220 -1.26 2.22 10.63
N THR A 221 -1.24 1.36 9.62
CA THR A 221 -2.32 0.40 9.32
C THR A 221 -1.85 -1.05 9.52
N GLY A 222 -0.77 -1.26 10.28
CA GLY A 222 -0.18 -2.61 10.48
C GLY A 222 -1.14 -3.58 11.16
N ASP A 223 -2.17 -3.08 11.82
CA ASP A 223 -3.17 -3.93 12.52
C ASP A 223 -4.36 -4.20 11.62
N CYS A 224 -4.29 -3.87 10.33
CA CYS A 224 -5.33 -4.20 9.32
C CYS A 224 -4.66 -4.94 8.16
N LYS A 225 -5.42 -5.74 7.44
CA LYS A 225 -4.95 -6.53 6.28
C LYS A 225 -5.18 -5.69 5.01
N MET A 226 -4.58 -4.49 4.99
CA MET A 226 -4.64 -3.54 3.87
C MET A 226 -3.41 -3.77 2.99
N GLY A 227 -3.62 -3.79 1.69
CA GLY A 227 -2.58 -4.10 0.69
C GLY A 227 -1.30 -3.30 0.93
N GLY A 228 -1.44 -2.02 1.30
CA GLY A 228 -0.31 -1.09 1.50
C GLY A 228 0.72 -1.60 2.49
N ASN A 229 0.33 -2.46 3.42
CA ASN A 229 1.25 -3.03 4.45
C ASN A 229 2.22 -4.01 3.79
N TYR A 230 1.92 -4.54 2.61
CA TYR A 230 2.63 -5.71 2.03
C TYR A 230 3.54 -5.24 0.89
N GLY A 231 3.12 -4.24 0.10
CA GLY A 231 3.93 -3.76 -1.05
C GLY A 231 5.31 -3.31 -0.60
N SER A 232 5.34 -2.62 0.54
CA SER A 232 6.54 -2.00 1.15
C SER A 232 7.44 -3.08 1.80
N SER A 233 6.93 -4.31 1.93
CA SER A 233 7.62 -5.42 2.64
CA SER A 233 7.60 -5.43 2.64
C SER A 233 8.33 -6.35 1.66
N LEU A 234 8.06 -6.21 0.34
CA LEU A 234 8.56 -7.17 -0.69
C LEU A 234 10.09 -7.09 -0.82
N PHE A 235 10.66 -5.88 -0.74
CA PHE A 235 12.10 -5.69 -0.95
C PHE A 235 12.87 -6.52 0.10
N ALA A 236 12.43 -6.42 1.37
CA ALA A 236 13.08 -7.09 2.51
C ALA A 236 12.97 -8.61 2.33
N GLN A 237 11.83 -9.08 1.83
CA GLN A 237 11.56 -10.51 1.57
C GLN A 237 12.51 -11.03 0.51
N CYS A 238 12.76 -10.25 -0.56
CA CYS A 238 13.72 -10.65 -1.63
C CYS A 238 15.13 -10.66 -1.05
N GLU A 239 15.44 -9.74 -0.13
CA GLU A 239 16.77 -9.66 0.54
C GLU A 239 16.92 -10.88 1.46
N ALA A 240 15.85 -11.24 2.19
CA ALA A 240 15.78 -12.46 3.02
C ALA A 240 16.15 -13.68 2.15
N VAL A 241 15.42 -13.90 1.06
CA VAL A 241 15.59 -15.07 0.16
C VAL A 241 17.03 -15.08 -0.38
N ASP A 242 17.58 -13.91 -0.69
CA ASP A 242 18.98 -13.75 -1.21
C ASP A 242 19.99 -14.22 -0.16
N ASN A 243 19.59 -14.32 1.11
CA ASN A 243 20.49 -14.74 2.22
C ASN A 243 20.06 -16.10 2.76
N GLY A 244 19.27 -16.87 1.98
CA GLY A 244 18.83 -18.23 2.33
C GLY A 244 17.79 -18.27 3.44
N CYS A 245 17.04 -17.19 3.63
CA CYS A 245 15.95 -17.09 4.65
C CYS A 245 14.60 -17.13 3.95
N GLN A 246 13.59 -17.67 4.64
CA GLN A 246 12.23 -17.84 4.07
C GLN A 246 11.35 -16.67 4.52
N GLN A 247 11.65 -16.05 5.66
CA GLN A 247 10.80 -14.95 6.17
C GLN A 247 11.68 -13.85 6.77
N VAL A 248 11.12 -12.65 6.83
CA VAL A 248 11.71 -11.47 7.50
C VAL A 248 11.28 -11.52 8.96
N LEU A 249 12.23 -11.37 9.89
CA LEU A 249 11.89 -11.02 11.29
C LEU A 249 11.78 -9.50 11.39
N TRP A 250 10.55 -9.02 11.54
CA TRP A 250 10.21 -7.57 11.56
C TRP A 250 10.57 -7.00 12.92
N LEU A 251 11.57 -6.14 12.94
CA LEU A 251 12.07 -5.45 14.16
C LEU A 251 11.52 -4.04 14.22
N TYR A 252 11.23 -3.58 15.42
CA TYR A 252 10.64 -2.25 15.69
C TYR A 252 11.39 -1.56 16.84
N GLY A 253 11.71 -0.28 16.60
CA GLY A 253 12.12 0.66 17.65
C GLY A 253 13.58 0.55 18.01
N GLU A 254 14.04 1.39 18.92
N GLU A 254 14.02 1.42 18.92
CA GLU A 254 15.48 1.49 19.29
CA GLU A 254 15.43 1.52 19.41
C GLU A 254 15.94 0.20 20.00
C GLU A 254 15.90 0.21 20.03
N ASP A 255 15.05 -0.55 20.64
N ASP A 255 14.98 -0.55 20.64
CA ASP A 255 15.43 -1.78 21.38
CA ASP A 255 15.29 -1.79 21.42
C ASP A 255 15.17 -3.04 20.51
C ASP A 255 15.15 -3.04 20.53
N HIS A 256 14.84 -2.88 19.23
CA HIS A 256 14.69 -4.01 18.27
C HIS A 256 13.69 -5.04 18.82
N GLN A 257 12.46 -4.59 19.08
CA GLN A 257 11.37 -5.51 19.45
C GLN A 257 11.17 -6.46 18.29
N ILE A 258 11.01 -7.75 18.60
CA ILE A 258 10.64 -8.79 17.59
C ILE A 258 9.11 -8.78 17.50
N THR A 259 8.55 -8.56 16.29
CA THR A 259 7.10 -8.25 16.16
C THR A 259 6.38 -9.38 15.42
N GLU A 260 6.84 -9.75 14.24
CA GLU A 260 6.14 -10.68 13.30
C GLU A 260 7.19 -11.55 12.60
N VAL A 261 6.83 -12.81 12.35
CA VAL A 261 7.64 -13.76 11.53
C VAL A 261 7.12 -13.64 10.09
N GLY A 262 7.59 -12.62 9.37
CA GLY A 262 7.14 -12.34 7.99
C GLY A 262 5.64 -12.04 7.94
N THR A 263 4.86 -12.95 7.37
CA THR A 263 3.40 -12.83 7.21
C THR A 263 2.66 -13.51 8.37
N MET A 264 3.39 -13.86 9.43
CA MET A 264 2.86 -14.70 10.54
C MET A 264 3.11 -13.98 11.87
N ASN A 265 2.21 -14.20 12.82
CA ASN A 265 2.42 -13.74 14.21
C ASN A 265 3.54 -14.53 14.86
N LEU A 266 4.16 -13.98 15.90
CA LEU A 266 5.40 -14.49 16.50
C LEU A 266 5.07 -15.03 17.89
N PHE A 267 5.45 -16.27 18.16
CA PHE A 267 5.36 -16.88 19.52
C PHE A 267 6.74 -17.32 19.99
N LEU A 268 7.01 -17.06 21.27
CA LEU A 268 8.21 -17.54 21.99
C LEU A 268 7.76 -18.36 23.20
N TYR A 269 8.18 -19.61 23.26
CA TYR A 269 7.98 -20.53 24.40
C TYR A 269 9.32 -20.66 25.11
N TRP A 270 9.39 -20.20 26.35
CA TRP A 270 10.68 -20.02 27.06
C TRP A 270 10.45 -20.01 28.58
N ILE A 271 11.55 -20.07 29.31
CA ILE A 271 11.63 -19.70 30.75
C ILE A 271 11.88 -18.20 30.77
N ASN A 272 10.96 -17.43 31.35
CA ASN A 272 11.06 -15.95 31.33
C ASN A 272 12.07 -15.49 32.39
N GLU A 273 12.19 -14.18 32.59
CA GLU A 273 13.21 -13.54 33.45
C GLU A 273 12.95 -13.90 34.93
N ASP A 274 11.73 -14.30 35.27
CA ASP A 274 11.34 -14.68 36.66
C ASP A 274 11.46 -16.20 36.86
N GLY A 275 11.99 -16.93 35.89
CA GLY A 275 12.20 -18.39 35.97
C GLY A 275 10.91 -19.17 35.73
N GLU A 276 9.88 -18.55 35.15
CA GLU A 276 8.56 -19.18 34.90
C GLU A 276 8.48 -19.62 33.44
N GLU A 277 7.97 -20.84 33.22
CA GLU A 277 7.59 -21.36 31.90
C GLU A 277 6.51 -20.45 31.31
N GLU A 278 6.70 -19.94 30.09
CA GLU A 278 5.83 -18.87 29.53
C GLU A 278 5.69 -19.03 28.02
N LEU A 279 4.48 -18.85 27.51
CA LEU A 279 4.24 -18.62 26.06
C LEU A 279 3.98 -17.12 25.89
N ALA A 280 4.87 -16.44 25.18
CA ALA A 280 4.85 -14.97 25.02
C ALA A 280 4.63 -14.63 23.54
N THR A 281 3.88 -13.56 23.28
CA THR A 281 3.62 -13.02 21.93
C THR A 281 3.53 -11.51 22.08
N PRO A 282 4.01 -10.70 21.11
CA PRO A 282 3.84 -9.25 21.19
C PRO A 282 2.38 -8.82 21.33
N PRO A 283 2.14 -7.75 22.11
CA PRO A 283 0.78 -7.26 22.33
C PRO A 283 0.20 -6.47 21.14
N LEU A 284 -1.13 -6.34 21.08
CA LEU A 284 -1.83 -5.61 19.99
C LEU A 284 -1.81 -4.10 20.27
N ASP A 285 -0.67 -3.46 20.07
CA ASP A 285 -0.49 -2.01 20.37
C ASP A 285 -0.47 -1.18 19.08
N GLY A 286 -0.84 -1.77 17.95
CA GLY A 286 -1.01 -1.03 16.67
C GLY A 286 -0.12 -1.56 15.57
N ILE A 287 0.96 -2.28 15.88
CA ILE A 287 1.95 -2.73 14.86
C ILE A 287 1.88 -4.25 14.61
N ILE A 288 0.91 -4.93 15.22
CA ILE A 288 0.72 -6.40 15.12
C ILE A 288 -0.61 -6.67 14.44
N LEU A 289 -0.61 -7.47 13.37
CA LEU A 289 -1.87 -7.97 12.74
C LEU A 289 -2.51 -8.95 13.73
N PRO A 290 -3.76 -8.72 14.19
CA PRO A 290 -4.42 -9.65 15.11
C PRO A 290 -4.88 -10.93 14.38
N GLY A 291 -3.99 -11.92 14.36
CA GLY A 291 -4.19 -13.21 13.67
C GLY A 291 -5.34 -14.00 14.27
N VAL A 292 -6.11 -14.67 13.42
CA VAL A 292 -7.07 -15.71 13.87
C VAL A 292 -6.28 -16.84 14.56
N THR A 293 -5.15 -17.26 13.98
CA THR A 293 -4.37 -18.41 14.51
C THR A 293 -3.81 -18.02 15.87
N ARG A 294 -3.29 -16.79 15.98
CA ARG A 294 -2.77 -16.17 17.23
C ARG A 294 -3.84 -16.26 18.32
N ARG A 295 -5.04 -15.80 17.99
CA ARG A 295 -6.21 -15.80 18.91
C ARG A 295 -6.47 -17.23 19.39
N CYS A 296 -6.52 -18.20 18.47
CA CYS A 296 -6.80 -19.63 18.77
C CYS A 296 -5.69 -20.18 19.67
N ILE A 297 -4.43 -19.87 19.38
CA ILE A 297 -3.27 -20.37 20.17
C ILE A 297 -3.36 -19.80 21.60
N LEU A 298 -3.59 -18.49 21.74
CA LEU A 298 -3.72 -17.87 23.07
C LEU A 298 -4.90 -18.52 23.80
N ASP A 299 -6.01 -18.75 23.11
CA ASP A 299 -7.21 -19.34 23.76
C ASP A 299 -6.88 -20.77 24.24
N LEU A 300 -6.23 -21.59 23.42
CA LEU A 300 -5.83 -22.98 23.80
C LEU A 300 -4.90 -22.91 25.02
N ALA A 301 -3.92 -22.02 25.01
CA ALA A 301 -2.87 -21.93 26.06
C ALA A 301 -3.51 -21.54 27.40
N HIS A 302 -4.43 -20.58 27.38
CA HIS A 302 -5.21 -20.17 28.59
C HIS A 302 -6.05 -21.35 29.05
N GLN A 303 -6.69 -22.05 28.12
CA GLN A 303 -7.58 -23.21 28.39
C GLN A 303 -6.78 -24.31 29.12
N TRP A 304 -5.59 -24.67 28.61
CA TRP A 304 -4.72 -25.73 29.19
C TRP A 304 -4.27 -25.34 30.60
N GLY A 305 -3.93 -24.07 30.82
CA GLY A 305 -3.49 -23.55 32.14
C GLY A 305 -2.26 -24.28 32.67
N GLU A 306 -1.36 -24.71 31.79
CA GLU A 306 -0.16 -25.48 32.20
C GLU A 306 1.06 -24.57 32.35
N PHE A 307 1.02 -23.34 31.80
CA PHE A 307 2.14 -22.36 31.87
C PHE A 307 1.59 -20.95 31.74
N LYS A 308 2.42 -19.95 32.04
CA LYS A 308 2.06 -18.52 31.92
C LYS A 308 1.84 -18.16 30.45
N VAL A 309 0.84 -17.34 30.17
CA VAL A 309 0.53 -16.83 28.80
C VAL A 309 0.62 -15.30 28.86
N SER A 310 1.56 -14.70 28.14
CA SER A 310 1.88 -13.25 28.27
C SER A 310 1.88 -12.58 26.89
N GLU A 311 1.02 -11.59 26.71
CA GLU A 311 1.14 -10.59 25.60
C GLU A 311 2.07 -9.51 26.14
N ARG A 312 3.30 -9.49 25.65
CA ARG A 312 4.38 -8.65 26.21
C ARG A 312 5.41 -8.33 25.13
N TYR A 313 6.17 -7.25 25.32
CA TYR A 313 7.28 -6.87 24.43
C TYR A 313 8.40 -7.90 24.58
N LEU A 314 8.99 -8.29 23.45
CA LEU A 314 10.17 -9.17 23.35
C LEU A 314 11.18 -8.47 22.45
N THR A 315 12.42 -8.33 22.92
CA THR A 315 13.51 -7.70 22.15
C THR A 315 14.52 -8.77 21.73
N MET A 316 15.34 -8.46 20.73
CA MET A 316 16.48 -9.33 20.34
C MET A 316 17.38 -9.58 21.57
N ASP A 317 17.57 -8.58 22.41
CA ASP A 317 18.39 -8.70 23.66
C ASP A 317 17.75 -9.71 24.62
N ASP A 318 16.43 -9.64 24.81
CA ASP A 318 15.69 -10.62 25.65
C ASP A 318 15.98 -12.03 25.11
N LEU A 319 15.88 -12.18 23.79
CA LEU A 319 16.06 -13.49 23.10
C LEU A 319 17.50 -13.98 23.25
N THR A 320 18.51 -13.16 22.94
CA THR A 320 19.94 -13.60 22.96
C THR A 320 20.34 -13.87 24.41
N THR A 321 19.88 -13.08 25.37
CA THR A 321 20.10 -13.33 26.83
C THR A 321 19.49 -14.69 27.19
N ALA A 322 18.27 -14.97 26.75
CA ALA A 322 17.57 -16.25 27.03
C ALA A 322 18.35 -17.41 26.41
N LEU A 323 18.81 -17.27 25.16
CA LEU A 323 19.53 -18.35 24.43
C LEU A 323 20.83 -18.68 25.17
N GLU A 324 21.54 -17.67 25.66
CA GLU A 324 22.79 -17.80 26.47
C GLU A 324 22.49 -18.59 27.74
N GLY A 325 21.30 -18.40 28.34
CA GLY A 325 20.90 -19.06 29.59
C GLY A 325 20.18 -20.39 29.36
N ASN A 326 20.10 -20.87 28.12
CA ASN A 326 19.36 -22.10 27.73
C ASN A 326 17.90 -22.03 28.21
N ARG A 327 17.30 -20.84 28.15
CA ARG A 327 15.92 -20.60 28.63
C ARG A 327 14.91 -20.69 27.48
N VAL A 328 15.35 -20.74 26.22
CA VAL A 328 14.42 -20.81 25.07
C VAL A 328 14.13 -22.27 24.75
N ARG A 329 12.85 -22.59 24.55
N ARG A 329 12.85 -22.59 24.55
CA ARG A 329 12.39 -23.94 24.14
CA ARG A 329 12.38 -23.93 24.13
C ARG A 329 12.04 -23.90 22.65
C ARG A 329 12.04 -23.89 22.65
N GLU A 330 11.08 -23.06 22.26
CA GLU A 330 10.53 -23.04 20.90
C GLU A 330 10.25 -21.60 20.46
N MET A 331 10.47 -21.32 19.18
N MET A 331 10.46 -21.33 19.18
CA MET A 331 9.97 -20.10 18.51
CA MET A 331 9.96 -20.10 18.51
C MET A 331 9.26 -20.54 17.23
C MET A 331 9.26 -20.54 17.23
N PHE A 332 8.06 -19.99 16.98
CA PHE A 332 7.27 -20.32 15.78
C PHE A 332 6.41 -19.12 15.35
N GLY A 333 6.15 -19.06 14.05
CA GLY A 333 5.12 -18.20 13.48
C GLY A 333 3.77 -18.90 13.52
N SER A 334 2.69 -18.12 13.51
CA SER A 334 1.31 -18.63 13.36
C SER A 334 0.63 -17.88 12.21
N GLY A 335 -0.20 -18.59 11.45
CA GLY A 335 -0.98 -18.02 10.33
C GLY A 335 -1.84 -19.08 9.68
N THR A 336 -2.85 -18.66 8.92
CA THR A 336 -3.76 -19.56 8.17
C THR A 336 -2.92 -20.46 7.25
N ALA A 337 -1.87 -19.93 6.65
CA ALA A 337 -1.11 -20.62 5.58
C ALA A 337 -0.33 -21.82 6.14
N CYS A 338 0.17 -21.73 7.37
CA CYS A 338 1.09 -22.72 7.96
CA CYS A 338 1.09 -22.74 7.97
C CYS A 338 0.49 -23.41 9.20
N VAL A 339 -0.45 -22.76 9.88
CA VAL A 339 -0.92 -23.06 11.26
C VAL A 339 0.20 -22.66 12.23
N VAL A 340 1.28 -23.45 12.30
CA VAL A 340 2.50 -23.09 13.09
C VAL A 340 3.74 -23.42 12.28
N CYS A 341 4.68 -22.48 12.27
CA CYS A 341 5.90 -22.53 11.45
CA CYS A 341 5.91 -22.52 11.44
C CYS A 341 7.11 -22.38 12.37
N PRO A 342 7.73 -23.51 12.79
CA PRO A 342 8.88 -23.47 13.68
C PRO A 342 10.04 -22.67 13.09
N VAL A 343 10.75 -21.94 13.96
CA VAL A 343 11.94 -21.12 13.60
C VAL A 343 13.19 -21.81 14.15
N SER A 344 14.19 -22.02 13.29
CA SER A 344 15.47 -22.69 13.65
C SER A 344 16.61 -21.69 13.77
N ASP A 345 16.54 -20.55 13.06
CA ASP A 345 17.71 -19.63 12.99
C ASP A 345 17.23 -18.20 12.72
N ILE A 346 17.99 -17.22 13.23
CA ILE A 346 17.85 -15.77 12.92
C ILE A 346 19.21 -15.24 12.47
N LEU A 347 19.25 -14.59 11.30
CA LEU A 347 20.46 -13.88 10.80
C LEU A 347 20.33 -12.41 11.23
N TYR A 348 21.28 -11.94 12.03
CA TYR A 348 21.22 -10.65 12.75
C TYR A 348 22.65 -10.13 12.97
N LYS A 349 22.92 -8.90 12.51
CA LYS A 349 24.25 -8.23 12.64
C LYS A 349 25.38 -9.17 12.20
N GLY A 350 25.19 -9.88 11.08
CA GLY A 350 26.24 -10.67 10.41
C GLY A 350 26.54 -12.00 11.08
N GLU A 351 25.77 -12.42 12.09
CA GLU A 351 25.90 -13.78 12.68
C GLU A 351 24.59 -14.56 12.49
N THR A 352 24.67 -15.89 12.50
CA THR A 352 23.52 -16.83 12.49
C THR A 352 23.29 -17.26 13.93
N ILE A 353 22.12 -16.96 14.48
CA ILE A 353 21.73 -17.28 15.87
C ILE A 353 20.82 -18.50 15.81
N HIS A 354 21.25 -19.60 16.44
CA HIS A 354 20.48 -20.86 16.45
C HIS A 354 19.33 -20.71 17.45
N ILE A 355 18.15 -21.14 17.05
CA ILE A 355 16.99 -21.28 17.98
C ILE A 355 16.71 -22.76 18.12
N PRO A 356 16.74 -23.33 19.35
CA PRO A 356 16.64 -24.77 19.55
C PRO A 356 15.22 -25.38 19.48
N THR A 357 14.34 -24.77 18.69
CA THR A 357 12.94 -25.24 18.51
C THR A 357 12.92 -26.75 18.22
N MET A 358 13.61 -27.18 17.17
CA MET A 358 13.49 -28.57 16.66
C MET A 358 14.21 -29.55 17.59
N GLU A 359 15.07 -29.07 18.50
CA GLU A 359 15.75 -29.91 19.50
C GLU A 359 14.90 -30.01 20.77
N ASN A 360 13.74 -29.35 20.82
CA ASN A 360 12.83 -29.35 21.99
C ASN A 360 11.48 -29.96 21.56
N GLY A 361 11.49 -30.80 20.53
CA GLY A 361 10.32 -31.55 20.03
C GLY A 361 10.09 -31.31 18.55
N PRO A 362 9.49 -30.17 18.14
CA PRO A 362 9.01 -29.13 19.05
C PRO A 362 7.65 -29.49 19.67
N LYS A 363 7.63 -29.69 20.99
CA LYS A 363 6.49 -30.29 21.74
C LYS A 363 5.26 -29.37 21.69
N LEU A 364 5.38 -28.08 22.02
CA LEU A 364 4.21 -27.18 22.06
C LEU A 364 3.71 -26.94 20.62
N ALA A 365 4.63 -26.63 19.69
CA ALA A 365 4.29 -26.43 18.26
C ALA A 365 3.52 -27.63 17.72
N SER A 366 3.96 -28.85 18.03
CA SER A 366 3.35 -30.12 17.54
C SER A 366 1.95 -30.26 18.14
N ARG A 367 1.84 -30.01 19.44
CA ARG A 367 0.55 -30.09 20.17
C ARG A 367 -0.46 -29.12 19.54
N ILE A 368 -0.04 -27.89 19.29
CA ILE A 368 -0.91 -26.84 18.67
C ILE A 368 -1.32 -27.30 17.27
N LEU A 369 -0.35 -27.69 16.43
CA LEU A 369 -0.63 -28.17 15.05
C LEU A 369 -1.65 -29.32 15.08
N SER A 370 -1.39 -30.29 15.96
CA SER A 370 -2.23 -31.51 16.07
C SER A 370 -3.65 -31.09 16.49
N LYS A 371 -3.78 -30.22 17.49
CA LYS A 371 -5.09 -29.74 17.98
C LYS A 371 -5.85 -29.00 16.85
N LEU A 372 -5.23 -28.01 16.22
CA LEU A 372 -5.94 -27.16 15.22
C LEU A 372 -6.30 -28.01 14.00
N THR A 373 -5.40 -28.89 13.55
CA THR A 373 -5.62 -29.77 12.38
C THR A 373 -6.78 -30.74 12.70
N ASP A 374 -6.81 -31.29 13.91
CA ASP A 374 -7.89 -32.23 14.34
C ASP A 374 -9.24 -31.52 14.23
N ILE A 375 -9.30 -30.25 14.63
CA ILE A 375 -10.56 -29.44 14.58
C ILE A 375 -10.89 -29.17 13.11
N GLN A 376 -9.91 -28.70 12.33
CA GLN A 376 -10.13 -28.29 10.92
C GLN A 376 -10.70 -29.46 10.11
N TYR A 377 -10.20 -30.69 10.29
CA TYR A 377 -10.56 -31.87 9.47
C TYR A 377 -11.64 -32.72 10.15
N GLY A 378 -12.31 -32.17 11.16
CA GLY A 378 -13.46 -32.79 11.83
C GLY A 378 -13.10 -34.08 12.56
N ARG A 379 -11.86 -34.22 13.04
CA ARG A 379 -11.47 -35.39 13.88
C ARG A 379 -12.03 -35.20 15.30
N GLU A 380 -12.42 -33.96 15.66
CA GLU A 380 -13.16 -33.68 16.92
C GLU A 380 -14.13 -32.51 16.68
N GLU A 381 -15.22 -32.48 17.45
CA GLU A 381 -16.24 -31.40 17.41
CA GLU A 381 -16.26 -31.41 17.45
C GLU A 381 -15.68 -30.13 18.05
N ARG A 382 -16.11 -28.97 17.57
CA ARG A 382 -15.64 -27.65 18.08
C ARG A 382 -16.63 -26.55 17.69
N ASP A 383 -16.78 -25.58 18.59
CA ASP A 383 -17.42 -24.26 18.36
C ASP A 383 -16.71 -23.50 17.23
N TRP A 384 -15.47 -23.86 16.88
CA TRP A 384 -14.60 -23.07 15.95
C TRP A 384 -14.84 -23.45 14.48
N THR A 385 -15.66 -24.47 14.18
CA THR A 385 -15.90 -24.88 12.78
C THR A 385 -17.39 -24.77 12.45
N ILE A 386 -17.68 -24.49 11.18
CA ILE A 386 -19.04 -24.47 10.58
C ILE A 386 -19.03 -25.46 9.41
N VAL A 387 -19.95 -26.41 9.40
CA VAL A 387 -20.14 -27.37 8.28
C VAL A 387 -20.75 -26.58 7.12
N LEU A 388 -20.31 -26.86 5.89
CA LEU A 388 -20.69 -26.05 4.70
C LEU A 388 -22.21 -26.05 4.51
N SER A 389 -22.78 -24.86 4.25
CA SER A 389 -24.14 -24.58 3.71
C SER A 389 -24.55 -25.65 2.67
N VAL B 24 15.85 -12.70 -22.67
CA VAL B 24 14.71 -11.77 -22.41
C VAL B 24 15.05 -10.38 -22.94
N VAL B 25 14.04 -9.59 -23.29
CA VAL B 25 14.17 -8.13 -23.61
C VAL B 25 14.28 -7.37 -22.27
N GLY B 26 15.48 -6.83 -21.99
CA GLY B 26 15.81 -6.17 -20.71
C GLY B 26 15.08 -4.85 -20.55
N THR B 27 14.89 -4.08 -21.65
CA THR B 27 14.10 -2.83 -21.67
C THR B 27 13.33 -2.70 -22.98
N PHE B 28 12.17 -2.07 -22.95
CA PHE B 28 11.45 -1.67 -24.18
C PHE B 28 12.19 -0.47 -24.80
N LYS B 29 11.95 -0.25 -26.08
CA LYS B 29 12.52 0.89 -26.84
C LYS B 29 11.37 1.61 -27.55
N ALA B 30 11.41 2.95 -27.53
CA ALA B 30 10.43 3.85 -28.18
C ALA B 30 10.42 3.56 -29.67
N LYS B 31 11.57 3.19 -30.25
CA LYS B 31 11.60 2.93 -31.72
C LYS B 31 10.70 1.73 -32.05
N ASP B 32 10.33 0.90 -31.07
CA ASP B 32 9.45 -0.28 -31.28
C ASP B 32 7.97 0.08 -31.05
N LEU B 33 7.66 1.35 -30.77
CA LEU B 33 6.27 1.81 -30.46
C LEU B 33 5.31 1.31 -31.54
N ILE B 34 4.22 0.70 -31.12
CA ILE B 34 3.08 0.31 -31.99
C ILE B 34 1.93 1.26 -31.67
N VAL B 35 1.43 1.98 -32.68
CA VAL B 35 0.44 3.08 -32.49
C VAL B 35 -0.88 2.64 -33.11
N THR B 36 -1.90 2.43 -32.29
CA THR B 36 -3.28 2.08 -32.71
C THR B 36 -4.17 3.29 -32.44
N PRO B 37 -4.37 4.19 -33.43
CA PRO B 37 -5.09 5.43 -33.15
C PRO B 37 -6.58 5.14 -32.92
N ALA B 38 -7.20 5.94 -32.07
CA ALA B 38 -8.65 6.01 -31.84
C ALA B 38 -9.29 6.48 -33.16
N THR B 39 -10.42 5.90 -33.54
CA THR B 39 -11.12 6.28 -34.78
C THR B 39 -12.23 7.29 -34.45
N ILE B 40 -12.63 7.41 -33.20
CA ILE B 40 -13.59 8.46 -32.71
C ILE B 40 -12.91 9.26 -31.59
N LEU B 41 -12.74 10.56 -31.77
CA LEU B 41 -12.01 11.45 -30.82
C LEU B 41 -13.04 12.15 -29.91
N LYS B 42 -12.72 12.33 -28.63
CA LYS B 42 -13.63 12.98 -27.65
C LYS B 42 -13.49 14.51 -27.74
N GLU B 43 -14.57 15.24 -27.44
CA GLU B 43 -14.53 16.71 -27.26
C GLU B 43 -13.65 17.07 -26.07
N LYS B 44 -12.76 18.04 -26.23
CA LYS B 44 -11.89 18.56 -25.16
C LYS B 44 -12.76 19.33 -24.16
N PRO B 45 -12.37 19.37 -22.88
CA PRO B 45 -13.12 20.12 -21.87
C PRO B 45 -12.79 21.62 -21.92
N ASP B 46 -13.70 22.44 -21.37
CA ASP B 46 -13.45 23.87 -21.05
C ASP B 46 -12.32 23.93 -20.02
N PRO B 47 -11.20 24.64 -20.29
CA PRO B 47 -10.08 24.72 -19.35
C PRO B 47 -10.38 25.33 -17.97
N ASN B 48 -11.51 26.02 -17.81
CA ASN B 48 -11.93 26.70 -16.56
C ASN B 48 -12.87 25.81 -15.73
N ASN B 49 -13.43 24.75 -16.31
CA ASN B 49 -14.46 23.88 -15.67
C ASN B 49 -13.87 22.50 -15.33
N LEU B 50 -12.56 22.42 -15.06
CA LEU B 50 -11.82 21.14 -14.92
C LEU B 50 -11.74 20.74 -13.45
N VAL B 51 -12.24 19.56 -13.10
CA VAL B 51 -11.98 18.87 -11.80
C VAL B 51 -10.74 17.97 -11.97
N PHE B 52 -9.75 18.12 -11.08
CA PHE B 52 -8.44 17.43 -11.20
C PHE B 52 -8.65 15.92 -11.38
N GLY B 53 -8.08 15.37 -12.45
CA GLY B 53 -7.85 13.92 -12.62
C GLY B 53 -9.12 13.15 -12.91
N THR B 54 -10.14 13.79 -13.48
CA THR B 54 -11.42 13.10 -13.81
C THR B 54 -11.63 12.99 -15.34
N VAL B 55 -10.95 13.81 -16.13
CA VAL B 55 -11.10 13.82 -17.61
C VAL B 55 -9.82 13.21 -18.21
N PHE B 56 -9.94 12.21 -19.07
CA PHE B 56 -8.79 11.52 -19.69
C PHE B 56 -8.80 11.77 -21.20
N THR B 57 -7.61 11.79 -21.80
CA THR B 57 -7.43 12.06 -23.26
C THR B 57 -7.80 10.81 -24.07
N ASP B 58 -7.58 10.84 -25.39
CA ASP B 58 -8.04 9.75 -26.29
C ASP B 58 -7.19 8.49 -26.12
N HIS B 59 -5.90 8.65 -25.82
CA HIS B 59 -4.91 7.55 -25.89
C HIS B 59 -4.15 7.37 -24.58
N MET B 60 -3.57 6.18 -24.45
CA MET B 60 -2.72 5.75 -23.32
C MET B 60 -1.52 4.98 -23.85
N LEU B 61 -0.46 4.93 -23.05
CA LEU B 61 0.71 4.04 -23.29
C LEU B 61 0.55 2.81 -22.41
N THR B 62 0.82 1.63 -22.95
CA THR B 62 0.88 0.35 -22.20
C THR B 62 2.12 -0.42 -22.62
N VAL B 63 2.85 -0.94 -21.63
CA VAL B 63 3.98 -1.86 -21.88
C VAL B 63 3.90 -3.04 -20.91
N GLU B 64 3.79 -4.24 -21.46
CA GLU B 64 3.74 -5.51 -20.68
C GLU B 64 5.16 -6.01 -20.40
N TRP B 65 5.36 -6.58 -19.22
CA TRP B 65 6.59 -7.30 -18.80
C TRP B 65 6.23 -8.67 -18.23
N SER B 66 7.05 -9.66 -18.56
CA SER B 66 7.10 -10.97 -17.88
C SER B 66 8.57 -11.29 -17.57
N SER B 67 8.81 -12.03 -16.50
CA SER B 67 10.14 -12.58 -16.17
C SER B 67 10.62 -13.50 -17.31
N GLU B 68 9.73 -14.25 -17.93
CA GLU B 68 10.04 -15.28 -18.96
C GLU B 68 10.55 -14.62 -20.26
N PHE B 69 9.89 -13.57 -20.77
CA PHE B 69 10.22 -12.94 -22.07
C PHE B 69 10.75 -11.51 -21.91
N GLY B 70 10.67 -10.92 -20.72
CA GLY B 70 11.06 -9.52 -20.50
C GLY B 70 9.99 -8.56 -21.02
N TRP B 71 10.40 -7.38 -21.45
CA TRP B 71 9.49 -6.30 -21.93
C TRP B 71 8.98 -6.63 -23.32
N GLU B 72 7.66 -6.57 -23.50
CA GLU B 72 7.01 -6.54 -24.82
C GLU B 72 7.24 -5.16 -25.45
N LYS B 73 6.87 -5.00 -26.72
CA LYS B 73 6.94 -3.68 -27.38
C LYS B 73 5.94 -2.74 -26.74
N PRO B 74 6.25 -1.44 -26.64
CA PRO B 74 5.30 -0.46 -26.11
C PRO B 74 4.19 -0.14 -27.10
N HIS B 75 3.00 0.12 -26.59
CA HIS B 75 1.77 0.39 -27.37
C HIS B 75 1.20 1.76 -26.98
N ILE B 76 0.93 2.61 -27.97
CA ILE B 76 0.04 3.79 -27.81
C ILE B 76 -1.29 3.40 -28.47
N LYS B 77 -2.35 3.33 -27.68
CA LYS B 77 -3.66 2.82 -28.14
C LYS B 77 -4.78 3.60 -27.45
N PRO B 78 -6.04 3.43 -27.89
CA PRO B 78 -7.15 4.14 -27.27
C PRO B 78 -7.21 3.83 -25.77
N LEU B 79 -7.50 4.87 -24.97
CA LEU B 79 -7.89 4.71 -23.56
C LEU B 79 -8.92 3.58 -23.46
N GLN B 80 -8.64 2.59 -22.63
CA GLN B 80 -9.48 1.38 -22.45
C GLN B 80 -9.33 0.94 -21.00
N ASN B 81 -10.28 0.16 -20.52
CA ASN B 81 -10.10 -0.53 -19.22
C ASN B 81 -8.90 -1.47 -19.34
N LEU B 82 -8.25 -1.73 -18.22
CA LEU B 82 -7.22 -2.79 -18.12
C LEU B 82 -7.93 -4.11 -17.85
N SER B 83 -7.42 -5.18 -18.45
CA SER B 83 -7.89 -6.57 -18.23
C SER B 83 -6.84 -7.26 -17.37
N LEU B 84 -7.10 -7.34 -16.06
CA LEU B 84 -6.15 -7.84 -15.04
C LEU B 84 -6.69 -9.14 -14.45
N HIS B 85 -5.83 -10.15 -14.31
CA HIS B 85 -6.14 -11.35 -13.51
C HIS B 85 -6.52 -10.85 -12.12
N PRO B 86 -7.61 -11.36 -11.52
CA PRO B 86 -8.05 -10.89 -10.20
C PRO B 86 -7.04 -11.18 -9.09
N GLY B 87 -6.05 -12.05 -9.35
CA GLY B 87 -4.95 -12.38 -8.43
C GLY B 87 -3.78 -11.39 -8.51
N SER B 88 -3.82 -10.42 -9.45
CA SER B 88 -2.76 -9.39 -9.68
C SER B 88 -2.25 -8.83 -8.35
N SER B 89 -0.94 -8.84 -8.11
CA SER B 89 -0.38 -8.42 -6.80
C SER B 89 -0.62 -6.92 -6.56
N ALA B 90 -0.85 -6.10 -7.58
CA ALA B 90 -1.26 -4.68 -7.42
C ALA B 90 -2.51 -4.56 -6.55
N LEU B 91 -3.42 -5.53 -6.65
CA LEU B 91 -4.76 -5.48 -6.00
C LEU B 91 -4.69 -6.05 -4.57
N HIS B 92 -3.74 -6.94 -4.27
CA HIS B 92 -3.66 -7.69 -2.99
C HIS B 92 -2.58 -7.07 -2.09
N TYR B 93 -1.41 -6.75 -2.64
CA TYR B 93 -0.20 -6.40 -1.84
C TYR B 93 0.37 -5.07 -2.29
N ALA B 94 -0.43 -4.25 -2.98
CA ALA B 94 -0.09 -2.86 -3.35
C ALA B 94 1.26 -2.86 -4.06
N VAL B 95 1.49 -3.83 -4.95
CA VAL B 95 2.75 -3.86 -5.75
C VAL B 95 2.55 -2.85 -6.88
N GLU B 96 2.85 -1.58 -6.61
CA GLU B 96 2.44 -0.47 -7.50
C GLU B 96 3.17 0.80 -7.12
N LEU B 97 3.41 1.64 -8.11
CA LEU B 97 3.93 3.01 -7.88
C LEU B 97 3.44 3.89 -9.02
N PHE B 98 3.60 5.19 -8.86
CA PHE B 98 3.12 6.17 -9.85
C PHE B 98 4.04 7.38 -9.88
N GLU B 99 3.82 8.21 -10.90
CA GLU B 99 4.46 9.53 -11.00
C GLU B 99 3.41 10.58 -11.34
N GLY B 100 3.83 11.83 -11.24
CA GLY B 100 3.04 13.01 -11.59
C GLY B 100 3.94 14.06 -12.16
N LEU B 101 3.74 14.38 -13.44
CA LEU B 101 4.42 15.51 -14.12
C LEU B 101 3.45 16.15 -15.13
N LYS B 102 3.85 17.26 -15.72
CA LYS B 102 2.93 18.08 -16.56
C LYS B 102 3.59 18.49 -17.88
N ALA B 103 2.76 18.58 -18.93
CA ALA B 103 3.06 19.30 -20.18
C ALA B 103 2.34 20.65 -20.16
N PHE B 104 3.02 21.68 -20.66
CA PHE B 104 2.56 23.09 -20.62
C PHE B 104 2.62 23.69 -22.02
N ARG B 105 1.49 24.24 -22.51
CA ARG B 105 1.43 24.95 -23.82
C ARG B 105 1.93 26.37 -23.58
N GLY B 106 3.09 26.72 -24.17
CA GLY B 106 3.80 27.97 -23.93
C GLY B 106 3.10 29.17 -24.55
N VAL B 107 3.49 30.36 -24.12
CA VAL B 107 3.01 31.65 -24.71
C VAL B 107 3.37 31.70 -26.20
N ASP B 108 4.37 30.91 -26.61
CA ASP B 108 4.86 30.78 -28.01
C ASP B 108 4.20 29.58 -28.70
N ASN B 109 3.23 28.95 -28.03
CA ASN B 109 2.47 27.76 -28.51
C ASN B 109 3.37 26.52 -28.66
N LYS B 110 4.56 26.53 -28.07
CA LYS B 110 5.41 25.32 -27.98
C LYS B 110 5.06 24.57 -26.68
N ILE B 111 4.92 23.25 -26.76
CA ILE B 111 4.56 22.41 -25.59
C ILE B 111 5.86 21.98 -24.90
N ARG B 112 5.96 22.17 -23.59
CA ARG B 112 7.19 21.88 -22.82
C ARG B 112 6.88 20.88 -21.71
N LEU B 113 7.86 20.04 -21.40
CA LEU B 113 7.89 19.27 -20.14
C LEU B 113 8.80 20.04 -19.18
N PHE B 114 8.62 19.79 -17.89
CA PHE B 114 9.34 20.45 -16.79
C PHE B 114 10.10 19.40 -15.97
N GLN B 115 11.43 19.44 -16.01
CA GLN B 115 12.32 18.52 -15.25
C GLN B 115 11.87 17.06 -15.35
N PRO B 116 11.43 16.56 -16.52
CA PRO B 116 10.82 15.23 -16.61
C PRO B 116 11.82 14.11 -16.27
N ASN B 117 13.12 14.34 -16.46
N ASN B 117 13.11 14.37 -16.50
CA ASN B 117 14.15 13.34 -16.14
CA ASN B 117 14.25 13.48 -16.14
C ASN B 117 14.17 13.09 -14.63
C ASN B 117 14.19 13.12 -14.66
N LEU B 118 13.83 14.08 -13.80
CA LEU B 118 13.77 13.87 -12.33
C LEU B 118 12.63 12.89 -12.02
N ASN B 119 11.51 12.98 -12.72
CA ASN B 119 10.39 12.02 -12.56
C ASN B 119 10.85 10.61 -12.96
N MET B 120 11.58 10.48 -14.07
CA MET B 120 12.03 9.16 -14.54
C MET B 120 12.99 8.55 -13.50
N ASP B 121 13.90 9.34 -12.95
CA ASP B 121 14.85 8.89 -11.92
C ASP B 121 14.09 8.40 -10.68
N ARG B 122 13.11 9.17 -10.23
CA ARG B 122 12.31 8.84 -9.03
C ARG B 122 11.48 7.58 -9.30
N MET B 123 10.92 7.46 -10.50
CA MET B 123 10.10 6.28 -10.86
C MET B 123 10.98 5.02 -10.87
N TYR B 124 12.19 5.12 -11.42
CA TYR B 124 13.14 3.98 -11.47
C TYR B 124 13.48 3.55 -10.05
N ARG B 125 13.84 4.52 -9.21
CA ARG B 125 14.19 4.26 -7.79
C ARG B 125 13.00 3.59 -7.09
N SER B 126 11.80 4.12 -7.28
CA SER B 126 10.57 3.56 -6.66
C SER B 126 10.38 2.11 -7.16
N ALA B 127 10.62 1.83 -8.46
CA ALA B 127 10.49 0.48 -9.04
C ALA B 127 11.43 -0.51 -8.34
N VAL B 128 12.69 -0.13 -8.12
CA VAL B 128 13.69 -0.99 -7.46
C VAL B 128 13.18 -1.31 -6.03
N ARG B 129 12.64 -0.33 -5.33
CA ARG B 129 12.18 -0.50 -3.92
CA ARG B 129 12.20 -0.52 -3.92
C ARG B 129 10.91 -1.35 -3.91
N ALA B 130 10.09 -1.27 -4.96
CA ALA B 130 8.84 -2.04 -5.11
C ALA B 130 9.11 -3.48 -5.57
N THR B 131 10.30 -3.75 -6.13
CA THR B 131 10.77 -5.02 -6.75
C THR B 131 10.09 -5.18 -8.12
N LEU B 132 9.59 -4.09 -8.69
CA LEU B 132 9.10 -4.09 -10.08
C LEU B 132 10.29 -4.03 -11.02
N PRO B 133 10.14 -4.53 -12.27
CA PRO B 133 11.27 -4.61 -13.20
C PRO B 133 11.78 -3.24 -13.65
N VAL B 134 13.10 -3.14 -13.78
CA VAL B 134 13.75 -1.88 -14.22
C VAL B 134 13.48 -1.70 -15.72
N PHE B 135 13.58 -0.45 -16.15
CA PHE B 135 13.30 -0.01 -17.54
C PHE B 135 14.34 1.06 -17.86
N ASP B 136 14.50 1.33 -19.14
CA ASP B 136 15.39 2.40 -19.63
C ASP B 136 14.67 3.74 -19.50
N LYS B 137 15.14 4.63 -18.62
CA LYS B 137 14.48 5.93 -18.29
C LYS B 137 14.32 6.77 -19.57
N GLU B 138 15.32 6.79 -20.44
CA GLU B 138 15.27 7.61 -21.69
C GLU B 138 14.19 7.05 -22.63
N GLU B 139 14.06 5.73 -22.72
CA GLU B 139 13.04 5.08 -23.61
C GLU B 139 11.65 5.40 -23.08
N LEU B 140 11.43 5.29 -21.77
CA LEU B 140 10.11 5.64 -21.22
C LEU B 140 9.81 7.13 -21.50
N LEU B 141 10.76 8.04 -21.28
CA LEU B 141 10.48 9.47 -21.51
C LEU B 141 10.10 9.68 -22.98
N GLU B 142 10.81 9.02 -23.91
CA GLU B 142 10.53 9.17 -25.35
C GLU B 142 9.12 8.63 -25.65
N CYS B 143 8.74 7.50 -25.05
CA CYS B 143 7.35 6.96 -25.20
C CYS B 143 6.34 7.98 -24.68
N ILE B 144 6.59 8.58 -23.51
CA ILE B 144 5.69 9.63 -22.92
C ILE B 144 5.58 10.82 -23.88
N GLN B 145 6.69 11.30 -24.45
CA GLN B 145 6.69 12.42 -25.42
C GLN B 145 5.82 12.08 -26.63
N GLN B 146 5.93 10.86 -27.16
CA GLN B 146 5.19 10.43 -28.38
C GLN B 146 3.69 10.34 -28.04
N LEU B 147 3.35 9.93 -26.83
CA LEU B 147 1.94 9.90 -26.35
C LEU B 147 1.39 11.33 -26.26
N VAL B 148 2.12 12.23 -25.60
CA VAL B 148 1.70 13.66 -25.48
C VAL B 148 1.60 14.26 -26.89
N LYS B 149 2.56 13.97 -27.76
CA LYS B 149 2.54 14.50 -29.15
C LYS B 149 1.24 14.05 -29.85
N LEU B 150 0.88 12.77 -29.75
CA LEU B 150 -0.35 12.25 -30.43
C LEU B 150 -1.56 13.00 -29.87
N ASP B 151 -1.64 13.16 -28.55
CA ASP B 151 -2.77 13.82 -27.85
C ASP B 151 -2.46 15.30 -27.57
N GLN B 152 -1.62 15.95 -28.36
CA GLN B 152 -1.08 17.30 -28.01
C GLN B 152 -2.21 18.34 -27.97
N GLU B 153 -3.30 18.15 -28.72
CA GLU B 153 -4.43 19.12 -28.71
C GLU B 153 -5.11 19.11 -27.34
N TRP B 154 -4.85 18.09 -26.50
CA TRP B 154 -5.39 18.02 -25.11
C TRP B 154 -4.60 18.96 -24.19
N VAL B 155 -3.38 19.34 -24.58
CA VAL B 155 -2.60 20.32 -23.76
C VAL B 155 -3.35 21.64 -23.87
N PRO B 156 -3.95 22.13 -22.75
CA PRO B 156 -4.90 23.24 -22.79
C PRO B 156 -4.34 24.53 -23.42
N TYR B 157 -5.20 25.23 -24.16
CA TYR B 157 -4.94 26.59 -24.69
C TYR B 157 -5.31 27.59 -23.58
N SER B 158 -4.39 27.73 -22.63
CA SER B 158 -4.56 28.52 -21.38
C SER B 158 -3.21 28.59 -20.69
N THR B 159 -2.90 29.74 -20.08
CA THR B 159 -1.65 29.98 -19.31
C THR B 159 -1.84 29.52 -17.86
N SER B 160 -3.02 29.02 -17.49
CA SER B 160 -3.32 28.58 -16.11
C SER B 160 -3.69 27.09 -16.04
N ALA B 161 -3.79 26.41 -17.19
CA ALA B 161 -4.12 24.97 -17.28
C ALA B 161 -2.92 24.23 -17.88
N SER B 162 -2.93 22.90 -17.73
CA SER B 162 -1.84 22.00 -18.14
C SER B 162 -2.39 20.60 -18.41
N LEU B 163 -1.51 19.72 -18.89
CA LEU B 163 -1.84 18.29 -19.09
C LEU B 163 -1.08 17.50 -18.05
N TYR B 164 -1.80 16.90 -17.13
CA TYR B 164 -1.20 16.03 -16.08
C TYR B 164 -0.88 14.68 -16.72
N ILE B 165 0.33 14.22 -16.47
CA ILE B 165 0.91 12.94 -16.96
C ILE B 165 1.06 11.99 -15.76
N ARG B 166 0.40 10.83 -15.84
CA ARG B 166 0.33 9.84 -14.74
C ARG B 166 0.92 8.52 -15.22
N PRO B 167 2.27 8.38 -15.18
CA PRO B 167 2.90 7.08 -15.34
C PRO B 167 2.52 6.23 -14.13
N THR B 168 2.18 4.97 -14.37
CA THR B 168 1.70 4.04 -13.34
C THR B 168 2.35 2.69 -13.63
N PHE B 169 2.72 1.96 -12.59
CA PHE B 169 3.49 0.70 -12.75
C PHE B 169 2.94 -0.29 -11.72
N ILE B 170 2.38 -1.40 -12.21
CA ILE B 170 1.61 -2.34 -11.34
C ILE B 170 2.12 -3.77 -11.55
N GLY B 171 2.16 -4.54 -10.46
CA GLY B 171 2.35 -5.99 -10.50
C GLY B 171 1.08 -6.68 -10.96
N THR B 172 1.18 -7.59 -11.93
CA THR B 172 0.00 -8.29 -12.53
C THR B 172 0.18 -9.81 -12.44
N GLU B 173 1.12 -10.29 -11.63
CA GLU B 173 1.38 -11.74 -11.35
C GLU B 173 0.06 -12.39 -10.94
N PRO B 174 -0.44 -13.43 -11.65
CA PRO B 174 -1.71 -14.07 -11.28
C PRO B 174 -1.54 -15.13 -10.20
N SER B 175 -0.97 -14.76 -9.06
CA SER B 175 -0.74 -15.71 -7.95
C SER B 175 -0.65 -14.94 -6.64
N LEU B 176 -1.12 -15.57 -5.57
CA LEU B 176 -1.35 -14.90 -4.26
C LEU B 176 -0.09 -14.95 -3.41
N GLY B 177 0.98 -15.59 -3.90
CA GLY B 177 2.22 -15.67 -3.12
C GLY B 177 2.80 -14.28 -2.90
N VAL B 178 3.41 -14.06 -1.74
CA VAL B 178 4.15 -12.81 -1.41
C VAL B 178 5.57 -12.96 -1.97
N LYS B 179 5.87 -12.30 -3.07
CA LYS B 179 7.20 -12.42 -3.70
C LYS B 179 7.32 -11.42 -4.85
N LYS B 180 8.53 -11.29 -5.38
CA LYS B 180 8.83 -10.44 -6.54
C LYS B 180 7.85 -10.79 -7.65
N PRO B 181 7.16 -9.80 -8.26
CA PRO B 181 6.23 -10.12 -9.34
C PRO B 181 7.02 -10.62 -10.56
N THR B 182 6.44 -11.59 -11.28
CA THR B 182 6.96 -12.18 -12.54
C THR B 182 6.16 -11.67 -13.73
N LYS B 183 5.21 -10.76 -13.48
CA LYS B 183 4.38 -10.11 -14.53
C LYS B 183 4.10 -8.69 -14.08
N ALA B 184 4.14 -7.72 -14.99
CA ALA B 184 3.84 -6.32 -14.64
C ALA B 184 3.35 -5.56 -15.87
N LEU B 185 2.72 -4.42 -15.60
CA LEU B 185 2.23 -3.48 -16.63
C LEU B 185 2.68 -2.08 -16.26
N LEU B 186 3.37 -1.43 -17.19
CA LEU B 186 3.68 0.02 -17.07
C LEU B 186 2.74 0.74 -18.04
N PHE B 187 1.95 1.70 -17.54
CA PHE B 187 1.02 2.46 -18.39
C PHE B 187 1.12 3.95 -18.04
N VAL B 188 0.70 4.79 -18.98
CA VAL B 188 0.67 6.26 -18.78
C VAL B 188 -0.70 6.79 -19.22
N LEU B 189 -1.34 7.54 -18.32
CA LEU B 189 -2.59 8.28 -18.55
C LEU B 189 -2.26 9.77 -18.70
N LEU B 190 -3.11 10.46 -19.46
CA LEU B 190 -3.05 11.94 -19.61
C LEU B 190 -4.38 12.52 -19.19
N SER B 191 -4.35 13.60 -18.43
CA SER B 191 -5.56 14.25 -17.84
C SER B 191 -5.39 15.77 -17.86
N PRO B 192 -6.20 16.51 -18.63
CA PRO B 192 -6.13 17.97 -18.59
C PRO B 192 -6.60 18.45 -17.21
N VAL B 193 -5.84 19.38 -16.61
CA VAL B 193 -6.15 19.92 -15.26
C VAL B 193 -6.05 21.45 -15.28
N GLY B 194 -6.80 22.09 -14.38
CA GLY B 194 -6.83 23.56 -14.19
C GLY B 194 -5.73 24.05 -13.27
N PRO B 195 -5.77 25.34 -12.87
CA PRO B 195 -4.68 25.94 -12.08
C PRO B 195 -4.57 25.38 -10.66
N TYR B 196 -5.69 25.16 -9.98
CA TYR B 196 -5.80 24.44 -8.69
C TYR B 196 -6.50 23.10 -8.99
N PHE B 197 -7.23 22.54 -8.02
CA PHE B 197 -8.00 21.27 -8.12
C PHE B 197 -9.47 21.57 -8.39
N PHE B 202 -5.17 32.17 -5.71
CA PHE B 202 -4.82 31.56 -4.40
C PHE B 202 -6.08 31.47 -3.51
N ASN B 203 -6.68 30.29 -3.41
CA ASN B 203 -7.68 29.97 -2.35
C ASN B 203 -6.98 29.10 -1.31
N PRO B 204 -6.55 29.67 -0.17
CA PRO B 204 -5.65 28.96 0.76
C PRO B 204 -6.32 27.76 1.44
N VAL B 205 -5.51 26.83 1.93
CA VAL B 205 -6.03 25.57 2.53
C VAL B 205 -6.00 25.65 4.05
N SER B 206 -6.95 24.95 4.65
CA SER B 206 -7.03 24.63 6.09
C SER B 206 -6.47 23.21 6.28
N LEU B 207 -5.58 23.03 7.27
CA LEU B 207 -4.89 21.75 7.51
C LEU B 207 -5.45 21.09 8.76
N TRP B 208 -5.65 19.78 8.70
CA TRP B 208 -6.07 18.91 9.82
C TRP B 208 -4.82 18.25 10.41
N ALA B 209 -4.47 18.61 11.65
CA ALA B 209 -3.29 18.10 12.38
C ALA B 209 -3.75 17.16 13.50
N ASN B 210 -3.70 15.85 13.24
CA ASN B 210 -4.07 14.82 14.24
C ASN B 210 -2.92 13.83 14.38
N PRO B 211 -2.15 13.87 15.49
CA PRO B 211 -0.95 13.03 15.63
C PRO B 211 -1.24 11.53 15.77
N LYS B 212 -2.51 11.14 15.88
CA LYS B 212 -2.96 9.73 15.96
C LYS B 212 -2.55 8.97 14.69
N TYR B 213 -2.43 9.67 13.55
CA TYR B 213 -2.15 9.09 12.21
C TYR B 213 -0.75 9.52 11.77
N VAL B 214 0.07 8.58 11.29
CA VAL B 214 1.46 8.85 10.84
C VAL B 214 1.57 8.44 9.38
N ARG B 215 2.07 9.35 8.54
CA ARG B 215 2.09 9.14 7.06
C ARG B 215 3.17 8.11 6.70
N ALA B 216 4.31 8.18 7.37
CA ALA B 216 5.56 7.53 6.96
C ALA B 216 6.51 7.49 8.15
N TRP B 217 7.38 6.48 8.18
CA TRP B 217 8.30 6.27 9.33
C TRP B 217 9.68 5.92 8.80
N LYS B 218 10.71 6.17 9.59
CA LYS B 218 12.10 5.77 9.24
C LYS B 218 12.13 4.25 9.12
N GLY B 219 12.63 3.76 7.99
CA GLY B 219 12.66 2.33 7.64
C GLY B 219 11.48 1.96 6.75
N GLY B 220 10.63 2.94 6.41
CA GLY B 220 9.43 2.76 5.57
C GLY B 220 9.70 3.22 4.15
N THR B 221 8.65 3.45 3.36
CA THR B 221 8.73 3.79 1.92
C THR B 221 8.21 5.20 1.66
N GLY B 222 8.15 6.07 2.67
CA GLY B 222 7.59 7.43 2.50
C GLY B 222 8.39 8.30 1.56
N ASP B 223 9.65 7.93 1.26
CA ASP B 223 10.49 8.70 0.30
C ASP B 223 10.34 8.14 -1.10
N CYS B 224 9.36 7.26 -1.36
CA CYS B 224 9.03 6.74 -2.70
C CYS B 224 7.55 6.98 -2.98
N LYS B 225 7.17 7.06 -4.25
CA LYS B 225 5.78 7.33 -4.67
C LYS B 225 5.12 5.97 -4.93
N MET B 226 5.08 5.14 -3.88
CA MET B 226 4.46 3.79 -3.90
C MET B 226 3.03 3.91 -3.41
N GLY B 227 2.11 3.26 -4.11
CA GLY B 227 0.68 3.35 -3.82
C GLY B 227 0.38 3.10 -2.36
N GLY B 228 1.07 2.14 -1.73
CA GLY B 228 0.82 1.77 -0.33
C GLY B 228 0.93 2.94 0.64
N ASN B 229 1.76 3.94 0.33
CA ASN B 229 1.92 5.15 1.19
C ASN B 229 0.63 5.98 1.23
N TYR B 230 -0.28 5.83 0.25
CA TYR B 230 -1.45 6.71 0.08
C TYR B 230 -2.71 5.99 0.60
N GLY B 231 -2.85 4.69 0.37
CA GLY B 231 -4.03 3.94 0.87
C GLY B 231 -4.14 4.02 2.38
N SER B 232 -3.00 3.96 3.07
CA SER B 232 -2.89 4.01 4.55
C SER B 232 -3.12 5.43 5.08
N SER B 233 -3.08 6.44 4.20
CA SER B 233 -3.17 7.89 4.55
CA SER B 233 -3.18 7.88 4.58
C SER B 233 -4.60 8.40 4.31
N LEU B 234 -5.46 7.61 3.66
CA LEU B 234 -6.78 8.06 3.16
C LEU B 234 -7.73 8.40 4.30
N PHE B 235 -7.69 7.62 5.39
CA PHE B 235 -8.66 7.78 6.49
C PHE B 235 -8.54 9.20 7.05
N ALA B 236 -7.30 9.65 7.29
CA ALA B 236 -7.01 10.98 7.86
C ALA B 236 -7.51 12.08 6.91
N GLN B 237 -7.34 11.89 5.61
CA GLN B 237 -7.79 12.86 4.57
C GLN B 237 -9.31 12.97 4.60
N CYS B 238 -10.03 11.86 4.77
CA CYS B 238 -11.52 11.87 4.83
C CYS B 238 -11.94 12.54 6.15
N GLU B 239 -11.16 12.35 7.22
CA GLU B 239 -11.42 12.98 8.54
C GLU B 239 -11.14 14.49 8.42
N ALA B 240 -10.06 14.88 7.72
CA ALA B 240 -9.74 16.28 7.37
C ALA B 240 -10.96 16.92 6.72
N VAL B 241 -11.45 16.35 5.61
CA VAL B 241 -12.57 16.91 4.79
C VAL B 241 -13.81 17.02 5.70
N ASP B 242 -14.03 16.05 6.58
CA ASP B 242 -15.19 16.03 7.54
C ASP B 242 -15.11 17.23 8.48
N ASN B 243 -13.92 17.83 8.64
CA ASN B 243 -13.70 18.98 9.56
C ASN B 243 -13.41 20.25 8.76
N GLY B 244 -13.79 20.29 7.49
CA GLY B 244 -13.67 21.47 6.62
C GLY B 244 -12.23 21.78 6.21
N CYS B 245 -11.33 20.80 6.24
CA CYS B 245 -9.91 20.93 5.83
C CYS B 245 -9.69 20.25 4.49
N GLN B 246 -8.75 20.75 3.69
CA GLN B 246 -8.49 20.25 2.33
C GLN B 246 -7.28 19.31 2.38
N GLN B 247 -6.39 19.45 3.36
CA GLN B 247 -5.18 18.60 3.44
C GLN B 247 -4.89 18.23 4.90
N VAL B 248 -4.16 17.14 5.07
CA VAL B 248 -3.66 16.65 6.38
C VAL B 248 -2.30 17.29 6.60
N LEU B 249 -2.08 17.90 7.76
CA LEU B 249 -0.70 18.22 8.21
C LEU B 249 -0.15 16.98 8.92
N TRP B 250 0.80 16.33 8.25
CA TRP B 250 1.38 15.04 8.69
C TRP B 250 2.43 15.31 9.77
N LEU B 251 2.14 14.84 10.97
CA LEU B 251 3.00 15.00 12.17
C LEU B 251 3.78 13.71 12.41
N TYR B 252 5.02 13.87 12.86
CA TYR B 252 5.94 12.73 13.16
C TYR B 252 6.66 12.92 14.49
N GLY B 253 6.72 11.85 15.27
CA GLY B 253 7.56 11.78 16.47
C GLY B 253 6.93 12.42 17.68
N GLU B 254 7.56 12.26 18.84
CA GLU B 254 7.03 12.75 20.14
C GLU B 254 6.97 14.28 20.16
N ASP B 255 7.79 14.99 19.35
CA ASP B 255 7.79 16.49 19.34
C ASP B 255 6.92 17.02 18.20
N HIS B 256 6.17 16.16 17.49
CA HIS B 256 5.18 16.57 16.47
C HIS B 256 5.88 17.42 15.41
N GLN B 257 6.89 16.85 14.77
CA GLN B 257 7.53 17.46 13.59
C GLN B 257 6.44 17.64 12.53
N ILE B 258 6.43 18.80 11.89
CA ILE B 258 5.52 19.06 10.74
C ILE B 258 6.29 18.63 9.49
N THR B 259 5.74 17.70 8.71
CA THR B 259 6.53 16.98 7.68
C THR B 259 6.04 17.34 6.27
N GLU B 260 4.76 17.16 6.00
CA GLU B 260 4.17 17.31 4.64
C GLU B 260 2.82 18.02 4.78
N VAL B 261 2.51 18.86 3.79
CA VAL B 261 1.16 19.49 3.66
C VAL B 261 0.34 18.53 2.78
N GLY B 262 -0.21 17.47 3.37
CA GLY B 262 -0.96 16.42 2.65
C GLY B 262 -0.12 15.73 1.59
N THR B 263 -0.39 15.99 0.31
CA THR B 263 0.29 15.39 -0.85
C THR B 263 1.46 16.27 -1.29
N MET B 264 1.80 17.30 -0.52
CA MET B 264 2.76 18.35 -0.93
C MET B 264 3.85 18.51 0.12
N ASN B 265 5.03 18.90 -0.33
CA ASN B 265 6.14 19.25 0.60
C ASN B 265 5.78 20.55 1.34
N LEU B 266 6.36 20.73 2.53
CA LEU B 266 6.01 21.81 3.47
C LEU B 266 7.09 22.87 3.45
N PHE B 267 6.71 24.12 3.26
CA PHE B 267 7.63 25.29 3.40
C PHE B 267 7.09 26.26 4.45
N LEU B 268 8.00 26.78 5.26
CA LEU B 268 7.71 27.82 6.27
C LEU B 268 8.68 28.97 6.05
N TYR B 269 8.11 30.15 5.82
CA TYR B 269 8.84 31.43 5.64
C TYR B 269 8.59 32.24 6.91
N TRP B 270 9.65 32.51 7.66
CA TRP B 270 9.51 33.06 9.03
C TRP B 270 10.81 33.73 9.45
N ILE B 271 10.73 34.44 10.58
CA ILE B 271 11.90 34.85 11.39
C ILE B 271 12.18 33.67 12.31
N ASN B 272 13.37 33.09 12.23
CA ASN B 272 13.69 31.85 12.99
C ASN B 272 14.07 32.23 14.42
N GLU B 273 14.56 31.25 15.18
CA GLU B 273 14.87 31.35 16.63
C GLU B 273 16.03 32.34 16.85
N ASP B 274 16.87 32.55 15.84
CA ASP B 274 18.06 33.44 15.91
C ASP B 274 17.70 34.85 15.39
N GLY B 275 16.42 35.10 15.07
CA GLY B 275 15.97 36.40 14.54
C GLY B 275 16.33 36.62 13.08
N GLU B 276 16.65 35.54 12.35
CA GLU B 276 17.02 35.60 10.92
C GLU B 276 15.81 35.25 10.06
N GLU B 277 15.60 36.02 9.00
CA GLU B 277 14.63 35.71 7.92
C GLU B 277 15.04 34.38 7.28
N GLU B 278 14.13 33.41 7.18
CA GLU B 278 14.51 32.03 6.78
C GLU B 278 13.35 31.37 6.01
N LEU B 279 13.67 30.68 4.93
CA LEU B 279 12.76 29.71 4.30
C LEU B 279 13.24 28.32 4.73
N ALA B 280 12.38 27.58 5.41
CA ALA B 280 12.71 26.28 6.02
C ALA B 280 11.78 25.21 5.43
N THR B 281 12.31 24.02 5.23
CA THR B 281 11.59 22.82 4.76
C THR B 281 12.19 21.61 5.46
N PRO B 282 11.41 20.59 5.85
CA PRO B 282 11.98 19.39 6.44
C PRO B 282 13.06 18.73 5.58
N PRO B 283 14.07 18.13 6.21
CA PRO B 283 15.14 17.45 5.48
C PRO B 283 14.71 16.08 4.94
N LEU B 284 15.46 15.58 3.93
CA LEU B 284 15.21 14.27 3.29
C LEU B 284 15.84 13.17 4.15
N ASP B 285 15.18 12.81 5.24
CA ASP B 285 15.72 11.84 6.23
C ASP B 285 15.00 10.50 6.12
N GLY B 286 14.16 10.30 5.11
CA GLY B 286 13.46 9.02 4.86
C GLY B 286 11.95 9.12 4.96
N ILE B 287 11.40 10.15 5.61
CA ILE B 287 9.91 10.28 5.76
C ILE B 287 9.33 11.37 4.84
N ILE B 288 10.16 12.00 4.01
CA ILE B 288 9.74 13.11 3.12
C ILE B 288 9.86 12.62 1.67
N LEU B 289 8.82 12.78 0.89
CA LEU B 289 8.87 12.54 -0.58
C LEU B 289 9.75 13.64 -1.18
N PRO B 290 10.87 13.31 -1.87
CA PRO B 290 11.72 14.34 -2.46
C PRO B 290 11.07 14.95 -3.72
N GLY B 291 10.29 16.00 -3.50
CA GLY B 291 9.51 16.71 -4.52
C GLY B 291 10.40 17.38 -5.55
N VAL B 292 10.01 17.30 -6.81
CA VAL B 292 10.68 18.12 -7.87
C VAL B 292 10.46 19.61 -7.55
N THR B 293 9.25 20.00 -7.16
CA THR B 293 8.89 21.42 -6.89
C THR B 293 9.74 21.93 -5.72
N ARG B 294 9.87 21.12 -4.69
CA ARG B 294 10.68 21.38 -3.46
C ARG B 294 12.11 21.70 -3.88
N ARG B 295 12.71 20.82 -4.69
CA ARG B 295 14.08 20.96 -5.22
C ARG B 295 14.18 22.31 -5.95
N CYS B 296 13.24 22.60 -6.84
CA CYS B 296 13.23 23.85 -7.65
C CYS B 296 13.13 25.07 -6.73
N ILE B 297 12.26 25.02 -5.73
CA ILE B 297 12.08 26.15 -4.78
C ILE B 297 13.39 26.37 -3.99
N LEU B 298 14.01 25.31 -3.48
CA LEU B 298 15.30 25.46 -2.76
C LEU B 298 16.33 26.07 -3.70
N ASP B 299 16.38 25.62 -4.95
CA ASP B 299 17.38 26.13 -5.91
C ASP B 299 17.13 27.62 -6.16
N LEU B 300 15.89 28.04 -6.38
CA LEU B 300 15.54 29.47 -6.63
C LEU B 300 15.95 30.29 -5.40
N ALA B 301 15.62 29.81 -4.20
CA ALA B 301 15.85 30.54 -2.94
C ALA B 301 17.34 30.75 -2.70
N HIS B 302 18.16 29.72 -2.95
CA HIS B 302 19.64 29.79 -2.87
C HIS B 302 20.14 30.81 -3.89
N GLN B 303 19.59 30.76 -5.10
CA GLN B 303 20.02 31.66 -6.21
C GLN B 303 19.75 33.12 -5.82
N TRP B 304 18.56 33.43 -5.29
CA TRP B 304 18.19 34.82 -4.90
C TRP B 304 19.09 35.32 -3.76
N GLY B 305 19.39 34.46 -2.77
CA GLY B 305 20.29 34.81 -1.66
C GLY B 305 19.75 35.95 -0.81
N GLU B 306 18.43 36.10 -0.69
CA GLU B 306 17.84 37.27 0.02
C GLU B 306 17.51 36.93 1.48
N PHE B 307 17.56 35.64 1.82
CA PHE B 307 17.27 35.12 3.18
C PHE B 307 17.96 33.77 3.33
N LYS B 308 18.03 33.28 4.57
CA LYS B 308 18.57 31.94 4.89
C LYS B 308 17.63 30.87 4.33
N VAL B 309 18.22 29.80 3.82
CA VAL B 309 17.52 28.62 3.24
C VAL B 309 17.98 27.40 4.03
N SER B 310 17.06 26.73 4.72
CA SER B 310 17.38 25.69 5.72
C SER B 310 16.52 24.43 5.48
N GLU B 311 17.18 23.30 5.27
CA GLU B 311 16.55 21.97 5.36
C GLU B 311 16.72 21.52 6.80
N ARG B 312 15.65 21.61 7.59
CA ARG B 312 15.72 21.50 9.06
C ARG B 312 14.37 21.02 9.62
N TYR B 313 14.41 20.42 10.81
CA TYR B 313 13.20 19.97 11.52
C TYR B 313 12.43 21.20 12.00
N LEU B 314 11.11 21.12 11.88
CA LEU B 314 10.14 22.12 12.37
C LEU B 314 9.08 21.36 13.18
N THR B 315 8.76 21.85 14.37
CA THR B 315 7.74 21.22 15.26
C THR B 315 6.53 22.15 15.37
N MET B 316 5.39 21.59 15.78
CA MET B 316 4.19 22.39 16.13
C MET B 316 4.55 23.45 17.17
N ASP B 317 5.40 23.12 18.15
CA ASP B 317 5.82 24.07 19.21
C ASP B 317 6.63 25.22 18.60
N ASP B 318 7.55 24.92 17.67
CA ASP B 318 8.31 25.96 16.94
C ASP B 318 7.31 26.91 16.28
N LEU B 319 6.29 26.34 15.62
CA LEU B 319 5.29 27.12 14.84
C LEU B 319 4.44 27.98 15.78
N THR B 320 3.87 27.40 16.84
CA THR B 320 2.93 28.14 17.74
C THR B 320 3.73 29.20 18.51
N THR B 321 4.96 28.91 18.94
CA THR B 321 5.86 29.91 19.55
C THR B 321 6.10 31.05 18.57
N ALA B 322 6.40 30.74 17.30
CA ALA B 322 6.66 31.77 16.26
C ALA B 322 5.40 32.60 16.04
N LEU B 323 4.21 31.99 15.97
CA LEU B 323 2.94 32.70 15.70
C LEU B 323 2.65 33.69 16.83
N GLU B 324 2.89 33.28 18.08
CA GLU B 324 2.71 34.11 19.29
C GLU B 324 3.67 35.32 19.21
N GLY B 325 4.86 35.14 18.64
CA GLY B 325 5.89 36.19 18.51
C GLY B 325 5.79 36.98 17.21
N ASN B 326 4.73 36.77 16.42
CA ASN B 326 4.50 37.42 15.11
C ASN B 326 5.69 37.18 14.15
N ARG B 327 6.32 36.01 14.22
CA ARG B 327 7.56 35.69 13.44
C ARG B 327 7.22 34.94 12.15
N VAL B 328 5.99 34.47 11.97
CA VAL B 328 5.60 33.70 10.77
C VAL B 328 5.11 34.67 9.70
N ARG B 329 5.60 34.50 8.48
N ARG B 329 5.61 34.52 8.47
CA ARG B 329 5.17 35.29 7.30
CA ARG B 329 5.17 35.31 7.29
C ARG B 329 4.22 34.43 6.48
C ARG B 329 4.23 34.44 6.45
N GLU B 330 4.70 33.27 6.00
CA GLU B 330 3.98 32.43 5.03
C GLU B 330 4.21 30.96 5.34
N MET B 331 3.18 30.15 5.09
CA MET B 331 3.31 28.68 5.04
C MET B 331 2.63 28.21 3.77
N PHE B 332 3.29 27.34 3.01
CA PHE B 332 2.68 26.77 1.78
C PHE B 332 3.18 25.34 1.52
N GLY B 333 2.33 24.56 0.85
CA GLY B 333 2.75 23.29 0.23
C GLY B 333 3.32 23.53 -1.14
N SER B 334 4.17 22.60 -1.60
CA SER B 334 4.70 22.57 -2.99
C SER B 334 4.43 21.20 -3.60
N GLY B 335 4.05 21.17 -4.87
CA GLY B 335 3.82 19.93 -5.61
C GLY B 335 3.49 20.26 -7.05
N THR B 336 3.62 19.27 -7.93
CA THR B 336 3.32 19.42 -9.39
C THR B 336 1.88 19.92 -9.56
N ALA B 337 0.94 19.44 -8.76
CA ALA B 337 -0.50 19.66 -9.00
C ALA B 337 -0.88 21.12 -8.70
N CYS B 338 -0.19 21.80 -7.78
CA CYS B 338 -0.56 23.15 -7.29
CA CYS B 338 -0.57 23.16 -7.28
C CYS B 338 0.54 24.19 -7.57
N VAL B 339 1.79 23.75 -7.68
CA VAL B 339 3.03 24.57 -7.65
C VAL B 339 3.25 25.02 -6.20
N VAL B 340 2.44 25.97 -5.74
CA VAL B 340 2.49 26.56 -4.38
CA VAL B 340 2.48 26.51 -4.35
C VAL B 340 1.05 26.63 -3.85
N CYS B 341 0.81 26.07 -2.66
CA CYS B 341 -0.53 26.04 -2.03
CA CYS B 341 -0.54 26.02 -2.02
C CYS B 341 -0.46 26.70 -0.67
N PRO B 342 -0.80 28.01 -0.59
CA PRO B 342 -0.75 28.73 0.69
C PRO B 342 -1.64 28.10 1.76
N VAL B 343 -1.16 28.14 2.99
CA VAL B 343 -1.88 27.61 4.18
C VAL B 343 -2.35 28.81 5.01
N SER B 344 -3.65 28.84 5.34
CA SER B 344 -4.29 29.91 6.15
C SER B 344 -4.58 29.44 7.58
N ASP B 345 -4.79 28.14 7.80
CA ASP B 345 -5.27 27.66 9.13
C ASP B 345 -4.80 26.22 9.39
N ILE B 346 -4.55 25.90 10.65
CA ILE B 346 -4.28 24.51 11.15
C ILE B 346 -5.23 24.20 12.30
N LEU B 347 -5.96 23.09 12.19
CA LEU B 347 -6.81 22.56 13.28
C LEU B 347 -5.99 21.54 14.07
N TYR B 348 -5.79 21.81 15.36
CA TYR B 348 -4.83 21.12 16.24
C TYR B 348 -5.32 21.16 17.68
N LYS B 349 -5.51 20.01 18.32
CA LYS B 349 -5.95 19.87 19.74
C LYS B 349 -7.20 20.71 20.00
N GLY B 350 -8.17 20.65 19.08
CA GLY B 350 -9.52 21.23 19.24
C GLY B 350 -9.55 22.74 19.06
N GLU B 351 -8.47 23.35 18.57
CA GLU B 351 -8.37 24.81 18.32
C GLU B 351 -8.10 25.03 16.83
N THR B 352 -8.46 26.20 16.30
CA THR B 352 -8.05 26.68 14.96
C THR B 352 -6.89 27.63 15.18
N ILE B 353 -5.74 27.35 14.56
CA ILE B 353 -4.54 28.22 14.58
C ILE B 353 -4.49 28.96 13.25
N HIS B 354 -4.58 30.29 13.27
CA HIS B 354 -4.50 31.11 12.04
C HIS B 354 -3.04 31.22 11.62
N ILE B 355 -2.78 31.06 10.33
CA ILE B 355 -1.44 31.30 9.73
C ILE B 355 -1.60 32.52 8.82
N PRO B 356 -0.82 33.60 9.08
CA PRO B 356 -1.03 34.88 8.38
C PRO B 356 -0.45 34.96 6.96
N THR B 357 -0.38 33.83 6.25
CA THR B 357 0.16 33.74 4.86
C THR B 357 -0.48 34.83 4.00
N MET B 358 -1.81 34.87 3.91
CA MET B 358 -2.52 35.72 2.92
C MET B 358 -2.49 37.18 3.38
N GLU B 359 -2.15 37.45 4.64
CA GLU B 359 -1.99 38.83 5.16
C GLU B 359 -0.54 39.31 4.96
N ASN B 360 0.33 38.48 4.40
CA ASN B 360 1.75 38.82 4.15
C ASN B 360 2.01 38.75 2.65
N GLY B 361 0.98 38.94 1.83
CA GLY B 361 1.06 39.00 0.36
C GLY B 361 0.11 38.01 -0.30
N PRO B 362 0.46 36.69 -0.40
CA PRO B 362 1.72 36.16 0.12
C PRO B 362 2.89 36.42 -0.85
N LYS B 363 3.86 37.22 -0.42
CA LYS B 363 4.93 37.80 -1.29
C LYS B 363 5.85 36.70 -1.83
N LEU B 364 6.37 35.82 -0.97
CA LEU B 364 7.32 34.78 -1.44
C LEU B 364 6.58 33.73 -2.27
N ALA B 365 5.43 33.26 -1.80
CA ALA B 365 4.58 32.28 -2.52
C ALA B 365 4.28 32.81 -3.93
N SER B 366 3.91 34.09 -4.05
CA SER B 366 3.55 34.72 -5.34
C SER B 366 4.77 34.75 -6.25
N ARG B 367 5.90 35.15 -5.69
CA ARG B 367 7.17 35.27 -6.44
C ARG B 367 7.55 33.90 -7.00
N ILE B 368 7.49 32.85 -6.17
CA ILE B 368 7.80 31.46 -6.58
C ILE B 368 6.84 31.04 -7.68
N LEU B 369 5.52 31.19 -7.46
CA LEU B 369 4.49 30.83 -8.49
C LEU B 369 4.81 31.54 -9.80
N SER B 370 5.06 32.84 -9.74
CA SER B 370 5.31 33.68 -10.93
C SER B 370 6.56 33.15 -11.65
N LYS B 371 7.63 32.85 -10.92
CA LYS B 371 8.89 32.35 -11.52
C LYS B 371 8.69 30.97 -12.16
N LEU B 372 8.10 30.02 -11.43
CA LEU B 372 7.94 28.64 -11.95
C LEU B 372 6.99 28.64 -13.16
N THR B 373 5.90 29.41 -13.11
CA THR B 373 4.94 29.45 -14.25
C THR B 373 5.61 30.15 -15.44
N ASP B 374 6.42 31.18 -15.22
CA ASP B 374 7.16 31.87 -16.32
C ASP B 374 8.03 30.84 -17.05
N ILE B 375 8.71 29.95 -16.31
CA ILE B 375 9.56 28.89 -16.90
C ILE B 375 8.65 27.86 -17.60
N GLN B 376 7.60 27.40 -16.93
CA GLN B 376 6.72 26.31 -17.45
C GLN B 376 6.11 26.73 -18.79
N TYR B 377 5.67 27.97 -18.94
CA TYR B 377 4.89 28.47 -20.11
C TYR B 377 5.81 29.22 -21.07
N GLY B 378 7.13 29.05 -20.94
CA GLY B 378 8.12 29.54 -21.91
C GLY B 378 8.18 31.06 -21.97
N ARG B 379 7.86 31.77 -20.89
CA ARG B 379 8.01 33.25 -20.82
C ARG B 379 9.49 33.58 -20.65
N GLU B 380 10.32 32.61 -20.24
CA GLU B 380 11.80 32.75 -20.19
C GLU B 380 12.44 31.37 -20.48
N GLU B 381 13.67 31.39 -21.00
CA GLU B 381 14.47 30.18 -21.28
C GLU B 381 14.97 29.55 -19.97
N ARG B 382 15.11 28.23 -19.92
CA ARG B 382 15.54 27.51 -18.69
C ARG B 382 16.08 26.14 -19.08
N ASP B 383 17.12 25.68 -18.38
CA ASP B 383 17.59 24.27 -18.36
C ASP B 383 16.48 23.33 -17.85
N TRP B 384 15.43 23.84 -17.20
CA TRP B 384 14.39 23.01 -16.50
C TRP B 384 13.28 22.57 -17.45
N THR B 385 13.24 23.05 -18.70
CA THR B 385 12.16 22.66 -19.64
C THR B 385 12.77 22.01 -20.89
N ILE B 386 12.01 21.11 -21.48
CA ILE B 386 12.31 20.41 -22.77
C ILE B 386 11.12 20.68 -23.69
N VAL B 387 11.36 21.17 -24.91
CA VAL B 387 10.29 21.35 -25.92
C VAL B 387 9.89 19.97 -26.43
N LEU B 388 8.60 19.73 -26.64
CA LEU B 388 8.04 18.41 -27.03
C LEU B 388 8.72 17.92 -28.32
N SER B 389 9.19 16.67 -28.32
CA SER B 389 9.96 16.07 -29.44
C SER B 389 8.99 15.74 -30.59
C4 UU2 C . 7.45 -16.34 1.87
C5 UU2 C . 7.84 -17.57 1.34
C6 UU2 C . 6.89 -18.55 1.02
C10 UU2 C . 7.49 -20.78 1.34
C13 UU2 C . 8.00 -22.90 3.09
C15 UU2 C . 8.76 -20.93 1.93
C17 UU2 C . 3.21 -16.76 3.18
C20 UU2 C . 1.05 -15.96 2.28
C21 UU2 C . 1.63 -15.90 1.01
C22 UU2 C . 2.96 -16.26 0.84
C24 UU2 C . -0.43 -15.54 2.50
C26 UU2 C . -0.45 -14.20 3.18
C28 UU2 C . -0.64 -14.13 4.56
C16 UU2 C . 5.08 -21.59 1.01
C11 UU2 C . 6.48 -21.71 1.63
C12 UU2 C . 6.74 -22.76 2.51
C14 UU2 C . 9.01 -21.98 2.81
O7 UU2 C . 7.28 -19.75 0.48
C1 UU2 C . 5.53 -18.26 1.20
C33 UU2 C . 9.23 -17.84 1.18
N34 UU2 C . 10.33 -18.06 1.00
C3 UU2 C . 6.10 -16.07 2.06
F8 UU2 C . 5.70 -14.88 2.56
C2 UU2 C . 5.14 -17.03 1.72
N9 UU2 C . 3.77 -16.70 1.92
O23 UU2 C . 3.45 -16.19 -0.28
O19 UU2 C . 3.90 -17.13 4.12
N18 UU2 C . 1.84 -16.39 3.36
F25 UU2 C . -0.99 -16.41 3.37
F27 UU2 C . -1.04 -15.42 1.29
C29 UU2 C . -0.63 -12.89 5.16
C30 UU2 C . -0.41 -11.72 4.43
C31 UU2 C . -0.23 -11.80 3.05
C32 UU2 C . -0.24 -13.04 2.44
N1 PLP D . 0.76 -11.27 10.37
C2 PLP D . 0.45 -10.52 9.31
C2A PLP D . 1.30 -9.32 9.01
C3 PLP D . -0.63 -10.87 8.50
O3 PLP D . -0.92 -10.10 7.44
C4 PLP D . -1.42 -12.00 8.82
C4A PLP D . -2.55 -12.32 7.94
C5 PLP D . -1.07 -12.76 9.95
C6 PLP D . 0.03 -12.35 10.68
C5A PLP D . -1.76 -14.03 10.36
O4P PLP D . -3.21 -13.94 10.42
P PLP D . -4.10 -15.30 10.46
O1P PLP D . -3.91 -16.01 9.13
O2P PLP D . -3.60 -16.13 11.62
O3P PLP D . -5.50 -14.73 10.63
C4 UU2 E . -7.14 16.65 -1.29
C5 UU2 E . -8.04 17.59 -1.74
C6 UU2 E . -7.98 18.05 -3.07
C10 UU2 E . -8.84 20.26 -3.13
C13 UU2 E . -8.91 22.89 -2.19
C15 UU2 E . -7.67 20.87 -2.67
C17 UU2 E . -3.75 16.52 -4.24
C20 UU2 E . -3.17 14.95 -6.03
C21 UU2 E . -4.50 14.52 -6.09
C22 UU2 E . -5.45 15.10 -5.24
C24 UU2 E . -2.09 14.33 -6.92
C26 UU2 E . -1.14 13.55 -5.99
C28 UU2 E . 0.13 14.03 -5.66
C16 UU2 E . -11.34 20.29 -3.61
C11 UU2 E . -10.05 20.97 -3.11
C12 UU2 E . -10.08 22.28 -2.65
C14 UU2 E . -7.71 22.19 -2.21
O7 UU2 E . -8.86 18.96 -3.60
C1 UU2 E . -6.99 17.56 -3.92
C33 UU2 E . -9.09 18.09 -0.90
N34 UU2 E . -9.89 18.52 -0.23
C3 UU2 E . -6.16 16.17 -2.15
F8 UU2 E . -5.28 15.28 -1.71
C2 UU2 E . -6.07 16.64 -3.47
N9 UU2 E . -5.09 16.10 -4.32
O23 UU2 E . -6.63 14.74 -5.31
O19 UU2 E . -3.42 17.38 -3.42
N18 UU2 E . -2.80 15.94 -5.11
F25 UU2 E . -1.44 15.35 -7.49
F27 UU2 E . -2.66 13.46 -7.79
C29 UU2 E . 0.96 13.30 -4.82
C30 UU2 E . 0.56 12.09 -4.28
C31 UU2 E . -0.72 11.60 -4.61
C32 UU2 E . -1.54 12.33 -5.46
N1 PLP F . 4.77 14.83 -0.92
C2 PLP F . 4.19 13.68 -1.25
C2A PLP F . 3.62 12.84 -0.15
C3 PLP F . 4.09 13.29 -2.60
O3 PLP F . 3.49 12.11 -2.86
C4 PLP F . 4.64 14.11 -3.61
C4A PLP F . 4.55 13.63 -4.99
C5 PLP F . 5.27 15.32 -3.21
C6 PLP F . 5.30 15.61 -1.87
C5A PLP F . 5.89 16.35 -4.10
O4P PLP F . 6.05 15.95 -5.49
P PLP F . 6.40 16.92 -6.76
O1P PLP F . 7.47 16.10 -7.38
O2P PLP F . 5.09 16.97 -7.54
O3P PLP F . 6.86 18.30 -6.31
MG MG G . 19.33 3.07 -23.48
#